data_7DCP
#
_entry.id   7DCP
#
_cell.length_a   1.00
_cell.length_b   1.00
_cell.length_c   1.00
_cell.angle_alpha   90.00
_cell.angle_beta   90.00
_cell.angle_gamma   90.00
#
_symmetry.space_group_name_H-M   'P 1'
#
loop_
_entity.id
_entity.type
_entity.pdbx_description
1 polymer 'PRP2 isoform 1'
2 polymer 'Pre-mRNA-splicing factor SPP2'
3 non-polymer "ADENOSINE-5'-DIPHOSPHATE"
4 non-polymer 'MAGNESIUM ION'
#
loop_
_entity_poly.entity_id
_entity_poly.type
_entity_poly.pdbx_seq_one_letter_code
_entity_poly.pdbx_strand_id
1 'polypeptide(L)'
;RVKRTYEVTRQNDNAVRIEPSSLGEEEDKEAKDKNSALQLKRSRYDPNKVFSNTNQGPEKNNLKGEQLGSQKKSSKYDEK
ITSNNELTTKKGLLGDSENETKYASSNSKFNVEVTHKIKNAKEIDKINRQRMWEEQQLRNAMAGQSDHPDDITLEGSDKY
DYVFDTDAMIDYTNEEDDLLPEEKLQYEARLAQALETEEKRILTIQEARKLLPVHQYKDELLQEIKKNQVLIIMGETGSG
KTTQLPQYLVEDGFTDQGKLQIAITQPRRVAATSVAARVADEMNVVLGKEVGYQIRFEDKTTPNKTVLKYMTDGMLLREF
LTDSKLSKYSCIMIDEAHERTLATDILIGLLKDILPQRPTLKLLISSATMNAKKFSEFFDNCPIFNVPGRRYPVDIHYTL
QPEANYIHAAITTIFQIHTTQSLPGDILVFLTGQEEIERTKTKLEEIMSKLGSRTKQMIITPIYANLPQEQQLKIFQPTP
ENCRKVVLATNIAETSLTIDGIRYVIDPGFVKENSYVPSTGMTQLLTVPCSRASVDQRAGRAGRVGPGKCFRIFTKWSYL
HELELMPKPEITRTNLSNTVLLLLSLGVTDLIKFPLMDKPSIPTLRKSLENLYILGALNSKGTITRLGKMMCEFPCEPEF
AKVLYTAATHEQCQGVLEECLTIVSMLHETPSLFIGQKRDAAASVLSEVESDHILYLEIFNQWRNSKFSRSWCQDHKIQF
KTMLRVRNIRNQLFRCSEKVGLVEKNDQARMKIGNIAGYINARITRCFISGFPMNIVQLGPTGYQTMGRSSGGLNVSVHP
TSILFVNHKEKAQRPSKYVLYQQLMLTSKEFIRDCLVIPKEEWLIDMVPQIFKDLI
;
x
2 'polypeptide(L)'
;MSKFSLKLGSKTLKKNISKKTKKKNSLQKANLFDWDDAETASLSHKPQSKIKIQSIDKFDLDEESSSKKKLVIKLSENAD
TKKNDAPLVEYVTEKEYNEVPVEEFGDALLRGMGWESDSEQDSKGDKTQSRNKDVSNVSQIHPDGLGIGAKLNKAINVEE
ASFMPVVKIDKITGTKVDDDKKNKS
;
y
#
loop_
_chem_comp.id
_chem_comp.type
_chem_comp.name
_chem_comp.formula
ADP non-polymer ADENOSINE-5'-DIPHOSPHATE 'C10 H15 N5 O10 P2'
MG non-polymer 'MAGNESIUM ION' 'Mg 2'
#
# COMPACT_ATOMS: atom_id res chain seq x y z
N ARG A 1 -1.98 -22.50 -33.51
CA ARG A 1 -1.50 -21.90 -32.27
C ARG A 1 -0.71 -20.63 -32.56
N VAL A 2 -0.07 -20.60 -33.74
CA VAL A 2 0.72 -19.45 -34.16
C VAL A 2 -0.20 -18.30 -34.58
N LYS A 3 -1.49 -18.57 -34.83
CA LYS A 3 -2.49 -17.54 -35.12
C LYS A 3 -2.76 -16.59 -33.94
N ARG A 4 -2.18 -16.86 -32.77
CA ARG A 4 -2.40 -16.08 -31.56
C ARG A 4 -2.09 -14.60 -31.73
N THR A 5 -1.16 -14.25 -32.61
CA THR A 5 -0.78 -12.86 -32.78
C THR A 5 -1.91 -12.06 -33.43
N TYR A 6 -2.27 -10.93 -32.81
CA TYR A 6 -3.47 -10.19 -33.16
C TYR A 6 -3.15 -8.72 -33.39
N GLU A 7 -4.11 -8.01 -33.97
CA GLU A 7 -3.99 -6.59 -34.26
C GLU A 7 -5.08 -5.81 -33.52
N VAL A 8 -4.72 -4.64 -33.00
CA VAL A 8 -5.68 -3.74 -32.38
C VAL A 8 -6.62 -3.19 -33.45
N THR A 9 -7.87 -2.87 -33.04
CA THR A 9 -8.98 -2.39 -33.87
C THR A 9 -9.46 -3.50 -34.82
N ARG A 10 -9.57 -4.72 -34.31
CA ARG A 10 -10.14 -5.83 -35.04
C ARG A 10 -11.38 -6.37 -34.32
N ASP A 158 -11.00 -2.00 -37.69
CA ASP A 158 -12.43 -2.30 -37.67
C ASP A 158 -13.09 -1.57 -36.50
N LYS A 159 -13.53 -0.34 -36.75
CA LYS A 159 -14.16 0.46 -35.71
C LYS A 159 -15.63 0.06 -35.58
N TYR A 160 -16.38 0.77 -34.74
CA TYR A 160 -17.70 0.33 -34.33
C TYR A 160 -18.73 1.41 -34.58
N ASP A 161 -19.98 0.98 -34.76
CA ASP A 161 -21.03 1.84 -35.28
C ASP A 161 -21.96 2.31 -34.17
N TYR A 162 -22.51 3.50 -34.39
CA TYR A 162 -23.61 4.02 -33.58
C TYR A 162 -24.55 4.73 -34.55
N VAL A 163 -25.83 4.39 -34.49
CA VAL A 163 -26.86 4.97 -35.36
C VAL A 163 -26.90 6.49 -35.22
N PHE A 164 -26.64 7.18 -36.33
CA PHE A 164 -26.54 8.65 -36.53
C PHE A 164 -26.45 9.59 -35.33
N THR A 204 -27.92 -22.83 -2.74
CA THR A 204 -27.46 -23.00 -1.37
C THR A 204 -25.98 -22.69 -1.29
N ILE A 205 -25.60 -21.83 -0.34
CA ILE A 205 -24.21 -21.40 -0.23
C ILE A 205 -23.34 -22.52 0.34
N GLN A 206 -23.93 -23.49 1.03
CA GLN A 206 -23.18 -24.62 1.55
C GLN A 206 -22.84 -25.63 0.45
N GLU A 207 -23.68 -25.71 -0.58
CA GLU A 207 -23.43 -26.65 -1.67
C GLU A 207 -22.28 -26.19 -2.56
N ALA A 208 -22.09 -24.87 -2.70
CA ALA A 208 -21.01 -24.36 -3.53
C ALA A 208 -19.65 -24.56 -2.89
N ARG A 209 -19.60 -24.70 -1.55
CA ARG A 209 -18.35 -24.91 -0.86
C ARG A 209 -17.76 -26.29 -1.14
N LYS A 210 -18.62 -27.29 -1.39
CA LYS A 210 -18.13 -28.65 -1.63
C LYS A 210 -17.52 -28.80 -3.02
N LEU A 211 -17.88 -27.93 -3.97
CA LEU A 211 -17.30 -28.01 -5.31
C LEU A 211 -15.89 -27.46 -5.37
N LEU A 212 -15.41 -26.79 -4.33
CA LEU A 212 -14.05 -26.26 -4.31
C LEU A 212 -13.04 -27.40 -4.23
N PRO A 213 -11.86 -27.23 -4.84
CA PRO A 213 -10.87 -28.33 -4.86
C PRO A 213 -10.28 -28.69 -3.52
N VAL A 214 -10.27 -27.78 -2.54
CA VAL A 214 -9.69 -28.11 -1.24
C VAL A 214 -10.60 -29.02 -0.41
N HIS A 215 -11.88 -29.11 -0.76
CA HIS A 215 -12.82 -29.87 0.05
C HIS A 215 -12.57 -31.38 -0.08
N GLN A 216 -12.10 -31.84 -1.23
CA GLN A 216 -11.83 -33.26 -1.38
C GLN A 216 -10.56 -33.67 -0.64
N TYR A 217 -9.63 -32.74 -0.43
CA TYR A 217 -8.41 -33.00 0.31
C TYR A 217 -8.52 -32.61 1.79
N LYS A 218 -9.75 -32.44 2.30
CA LYS A 218 -9.93 -31.89 3.64
C LYS A 218 -9.53 -32.88 4.72
N ASP A 219 -9.78 -34.18 4.50
CA ASP A 219 -9.41 -35.17 5.50
C ASP A 219 -7.91 -35.38 5.57
N GLU A 220 -7.24 -35.37 4.42
CA GLU A 220 -5.79 -35.56 4.38
C GLU A 220 -5.06 -34.35 4.94
N LEU A 221 -5.60 -33.15 4.73
CA LEU A 221 -4.89 -31.93 5.11
C LEU A 221 -4.95 -31.68 6.61
N LEU A 222 -6.09 -31.95 7.24
CA LEU A 222 -6.21 -31.74 8.69
C LEU A 222 -5.42 -32.76 9.48
N GLN A 223 -5.19 -33.95 8.94
CA GLN A 223 -4.27 -34.89 9.56
C GLN A 223 -2.84 -34.40 9.49
N GLU A 224 -2.48 -33.72 8.40
CA GLU A 224 -1.12 -33.23 8.23
C GLU A 224 -0.84 -32.05 9.15
N ILE A 225 -1.86 -31.25 9.47
CA ILE A 225 -1.68 -30.12 10.39
C ILE A 225 -1.48 -30.63 11.82
N LYS A 226 -2.17 -31.72 12.20
CA LYS A 226 -1.99 -32.27 13.53
C LYS A 226 -0.62 -32.90 13.72
N LYS A 227 -0.02 -33.44 12.67
CA LYS A 227 1.29 -34.08 12.80
C LYS A 227 2.41 -33.05 12.87
N ASN A 228 2.32 -32.00 12.07
CA ASN A 228 3.43 -31.11 11.81
C ASN A 228 3.10 -29.71 12.31
N GLN A 229 4.07 -29.08 12.99
CA GLN A 229 3.82 -27.77 13.59
C GLN A 229 3.73 -26.69 12.52
N VAL A 230 4.56 -26.77 11.49
CA VAL A 230 4.53 -25.84 10.37
C VAL A 230 4.18 -26.63 9.12
N LEU A 231 3.38 -26.04 8.24
CA LEU A 231 3.01 -26.69 6.99
C LEU A 231 2.89 -25.65 5.89
N ILE A 232 3.52 -25.94 4.74
CA ILE A 232 3.32 -25.15 3.53
C ILE A 232 2.25 -25.82 2.70
N ILE A 233 1.19 -25.08 2.37
CA ILE A 233 0.09 -25.57 1.57
C ILE A 233 0.13 -24.83 0.24
N MET A 234 0.33 -25.58 -0.85
CA MET A 234 0.36 -25.00 -2.19
C MET A 234 -0.94 -25.35 -2.90
N GLY A 235 -1.50 -24.37 -3.60
CA GLY A 235 -2.66 -24.61 -4.43
C GLY A 235 -2.73 -23.57 -5.52
N GLU A 236 -3.49 -23.91 -6.56
CA GLU A 236 -3.84 -22.92 -7.58
C GLU A 236 -4.71 -21.83 -6.96
N THR A 237 -4.63 -20.63 -7.54
CA THR A 237 -5.43 -19.52 -7.06
C THR A 237 -6.90 -19.76 -7.34
N GLY A 238 -7.73 -19.68 -6.31
CA GLY A 238 -9.12 -20.04 -6.41
C GLY A 238 -9.45 -21.44 -5.96
N SER A 239 -8.51 -22.13 -5.31
CA SER A 239 -8.76 -23.48 -4.82
C SER A 239 -9.67 -23.50 -3.59
N GLY A 240 -9.83 -22.37 -2.92
CA GLY A 240 -10.58 -22.32 -1.69
C GLY A 240 -9.74 -22.33 -0.43
N LYS A 241 -8.44 -22.06 -0.50
CA LYS A 241 -7.59 -22.21 0.67
C LYS A 241 -7.71 -21.04 1.63
N THR A 242 -7.98 -19.82 1.14
CA THR A 242 -8.16 -18.70 2.06
C THR A 242 -9.51 -18.78 2.77
N THR A 243 -10.56 -19.25 2.07
CA THR A 243 -11.88 -19.30 2.69
C THR A 243 -12.08 -20.56 3.54
N GLN A 244 -11.72 -21.73 3.02
CA GLN A 244 -12.16 -22.97 3.66
C GLN A 244 -11.23 -23.44 4.77
N LEU A 245 -9.93 -23.19 4.65
CA LEU A 245 -8.99 -23.62 5.70
C LEU A 245 -9.24 -23.02 7.08
N PRO A 246 -9.58 -21.73 7.27
CA PRO A 246 -9.98 -21.31 8.63
C PRO A 246 -11.27 -21.95 9.10
N GLN A 247 -12.20 -22.21 8.19
CA GLN A 247 -13.44 -22.88 8.56
C GLN A 247 -13.19 -24.33 8.97
N TYR A 248 -12.22 -24.99 8.32
CA TYR A 248 -11.92 -26.38 8.64
C TYR A 248 -11.28 -26.51 10.03
N LEU A 249 -10.49 -25.51 10.43
CA LEU A 249 -9.84 -25.54 11.74
C LEU A 249 -10.84 -25.33 12.87
N VAL A 250 -11.82 -24.46 12.66
CA VAL A 250 -12.83 -24.19 13.69
C VAL A 250 -13.75 -25.39 13.86
N GLU A 251 -14.13 -26.04 12.76
CA GLU A 251 -14.99 -27.21 12.82
C GLU A 251 -14.28 -28.41 13.44
N ASP A 252 -12.95 -28.48 13.29
CA ASP A 252 -12.19 -29.56 13.91
C ASP A 252 -12.06 -29.37 15.41
N GLY A 253 -11.89 -28.13 15.85
CA GLY A 253 -11.74 -27.82 17.26
C GLY A 253 -10.44 -27.15 17.67
N PHE A 254 -9.73 -26.50 16.73
CA PHE A 254 -8.49 -25.81 17.08
C PHE A 254 -8.75 -24.55 17.89
N THR A 255 -9.94 -23.96 17.77
CA THR A 255 -10.22 -22.72 18.49
C THR A 255 -10.51 -22.99 19.98
N ASP A 256 -10.85 -24.23 20.33
CA ASP A 256 -11.08 -24.70 21.70
C ASP A 256 -12.19 -23.90 22.40
N GLN A 257 -13.41 -24.05 21.86
CA GLN A 257 -14.66 -23.47 22.35
C GLN A 257 -14.68 -21.95 22.34
N GLY A 258 -13.85 -21.32 21.53
CA GLY A 258 -13.81 -19.87 21.45
C GLY A 258 -12.83 -19.20 22.38
N LYS A 259 -12.05 -19.97 23.14
CA LYS A 259 -11.04 -19.37 24.02
C LYS A 259 -9.85 -18.87 23.22
N LEU A 260 -9.50 -19.58 22.14
CA LEU A 260 -8.30 -19.29 21.37
C LEU A 260 -8.70 -18.78 19.98
N GLN A 261 -8.08 -17.70 19.55
CA GLN A 261 -8.39 -17.06 18.30
C GLN A 261 -7.50 -17.62 17.19
N ILE A 262 -7.93 -17.45 15.94
CA ILE A 262 -7.18 -17.90 14.77
C ILE A 262 -6.90 -16.69 13.89
N ALA A 263 -5.63 -16.47 13.56
CA ALA A 263 -5.18 -15.31 12.80
C ALA A 263 -4.87 -15.70 11.37
N ILE A 264 -5.43 -14.97 10.41
CA ILE A 264 -5.20 -15.22 9.00
C ILE A 264 -4.62 -13.95 8.41
N THR A 265 -3.46 -14.07 7.76
CA THR A 265 -2.63 -12.94 7.38
C THR A 265 -2.76 -12.66 5.89
N GLN A 266 -3.12 -11.43 5.53
CA GLN A 266 -3.28 -11.01 4.16
C GLN A 266 -2.35 -9.85 3.83
N PRO A 267 -1.70 -9.86 2.67
CA PRO A 267 -0.95 -8.66 2.26
C PRO A 267 -1.86 -7.53 1.83
N ARG A 268 -2.94 -7.84 1.11
CA ARG A 268 -3.84 -6.81 0.60
C ARG A 268 -4.87 -6.42 1.64
N ARG A 269 -5.24 -5.14 1.64
CA ARG A 269 -6.27 -4.65 2.55
C ARG A 269 -7.67 -5.01 2.06
N VAL A 270 -7.89 -4.99 0.75
CA VAL A 270 -9.18 -5.36 0.19
C VAL A 270 -9.44 -6.85 0.37
N ALA A 271 -8.39 -7.67 0.23
CA ALA A 271 -8.53 -9.11 0.40
C ALA A 271 -8.80 -9.49 1.85
N ALA A 272 -8.41 -8.64 2.80
CA ALA A 272 -8.73 -8.93 4.19
C ALA A 272 -10.21 -8.69 4.48
N THR A 273 -10.76 -7.60 3.99
CA THR A 273 -12.14 -7.24 4.31
C THR A 273 -13.15 -8.05 3.52
N SER A 274 -12.90 -8.26 2.22
CA SER A 274 -13.90 -8.88 1.35
C SER A 274 -14.03 -10.38 1.62
N VAL A 275 -12.90 -11.05 1.89
CA VAL A 275 -12.95 -12.49 2.11
C VAL A 275 -13.52 -12.79 3.50
N ALA A 276 -13.33 -11.89 4.46
CA ALA A 276 -13.97 -12.02 5.77
C ALA A 276 -15.48 -11.86 5.67
N ALA A 277 -15.96 -11.06 4.71
CA ALA A 277 -17.40 -10.96 4.48
C ALA A 277 -17.96 -12.24 3.89
N ARG A 278 -17.17 -12.92 3.04
CA ARG A 278 -17.59 -14.18 2.45
C ARG A 278 -17.70 -15.29 3.49
N VAL A 279 -16.73 -15.37 4.40
CA VAL A 279 -16.71 -16.42 5.40
C VAL A 279 -17.81 -16.21 6.44
N ALA A 280 -18.15 -14.96 6.74
CA ALA A 280 -19.27 -14.68 7.63
C ALA A 280 -20.59 -15.12 7.02
N ASP A 281 -20.73 -15.00 5.70
CA ASP A 281 -21.90 -15.53 5.02
C ASP A 281 -21.94 -17.06 5.07
N GLU A 282 -20.77 -17.69 4.91
CA GLU A 282 -20.72 -19.15 4.91
C GLU A 282 -20.88 -19.71 6.32
N MET A 283 -20.30 -19.04 7.33
CA MET A 283 -20.46 -19.47 8.71
C MET A 283 -21.83 -19.14 9.28
N ASN A 284 -22.61 -18.31 8.57
CA ASN A 284 -23.98 -17.84 8.84
C ASN A 284 -23.99 -16.82 9.97
N VAL A 285 -22.83 -16.40 10.48
CA VAL A 285 -22.77 -15.38 11.52
C VAL A 285 -22.78 -13.99 10.89
N VAL A 286 -23.11 -13.00 11.70
CA VAL A 286 -22.97 -11.61 11.27
C VAL A 286 -21.51 -11.19 11.41
N LEU A 287 -21.09 -10.25 10.56
CA LEU A 287 -19.69 -9.88 10.47
C LEU A 287 -19.26 -9.12 11.71
N GLY A 288 -18.05 -9.41 12.18
CA GLY A 288 -17.49 -8.74 13.32
C GLY A 288 -17.83 -9.33 14.66
N LYS A 289 -18.66 -10.38 14.71
CA LYS A 289 -19.02 -11.02 15.96
C LYS A 289 -18.29 -12.35 16.14
N GLU A 290 -18.45 -13.28 15.19
CA GLU A 290 -17.67 -14.51 15.22
C GLU A 290 -16.63 -14.59 14.12
N VAL A 291 -16.84 -13.89 13.01
CA VAL A 291 -15.83 -13.70 11.97
C VAL A 291 -15.66 -12.21 11.80
N GLY A 292 -14.44 -11.72 12.04
CA GLY A 292 -14.15 -10.31 11.92
C GLY A 292 -12.86 -10.09 11.18
N TYR A 293 -12.60 -8.82 10.84
CA TYR A 293 -11.35 -8.42 10.22
C TYR A 293 -10.70 -7.33 11.04
N GLN A 294 -9.39 -7.16 10.83
CA GLN A 294 -8.64 -6.06 11.43
C GLN A 294 -7.67 -5.48 10.42
N ILE A 295 -7.95 -4.28 9.93
CA ILE A 295 -6.99 -3.47 9.20
C ILE A 295 -6.69 -2.26 10.09
N ARG A 296 -5.80 -1.38 9.59
CA ARG A 296 -5.10 -0.48 10.51
C ARG A 296 -6.00 0.61 11.08
N PHE A 297 -6.97 1.07 10.31
CA PHE A 297 -7.82 2.16 10.76
C PHE A 297 -9.20 1.71 11.19
N GLU A 298 -9.66 0.54 10.73
CA GLU A 298 -10.95 -0.01 11.12
C GLU A 298 -10.76 -1.46 11.53
N ASP A 299 -11.20 -1.81 12.74
CA ASP A 299 -11.28 -3.20 13.15
C ASP A 299 -12.70 -3.53 13.58
N LYS A 300 -13.27 -4.55 12.94
CA LYS A 300 -14.58 -5.06 13.32
C LYS A 300 -14.32 -6.38 14.06
N THR A 301 -14.08 -6.27 15.37
CA THR A 301 -13.75 -7.42 16.20
C THR A 301 -14.29 -7.14 17.59
N THR A 302 -14.93 -8.15 18.18
CA THR A 302 -15.36 -8.11 19.55
C THR A 302 -14.50 -9.05 20.40
N PRO A 303 -14.20 -8.69 21.65
CA PRO A 303 -13.14 -9.44 22.39
C PRO A 303 -13.47 -10.89 22.70
N ASN A 304 -14.65 -11.19 23.23
CA ASN A 304 -14.90 -12.56 23.67
C ASN A 304 -15.40 -13.46 22.55
N LYS A 305 -16.16 -12.89 21.60
CA LYS A 305 -16.89 -13.75 20.67
C LYS A 305 -16.11 -14.10 19.42
N THR A 306 -15.14 -13.27 19.01
CA THR A 306 -14.47 -13.45 17.73
C THR A 306 -13.57 -14.68 17.74
N VAL A 307 -13.76 -15.56 16.76
CA VAL A 307 -13.06 -16.83 16.67
C VAL A 307 -11.92 -16.77 15.65
N LEU A 308 -12.22 -16.38 14.43
CA LEU A 308 -11.20 -16.26 13.39
C LEU A 308 -11.19 -14.84 12.86
N LYS A 309 -9.99 -14.27 12.74
CA LYS A 309 -9.81 -12.86 12.39
C LYS A 309 -8.88 -12.75 11.18
N TYR A 310 -9.28 -11.93 10.21
CA TYR A 310 -8.47 -11.71 9.02
C TYR A 310 -7.74 -10.39 9.15
N MET A 311 -6.43 -10.42 9.02
CA MET A 311 -5.63 -9.22 9.25
C MET A 311 -4.75 -8.90 8.07
N THR A 312 -4.39 -7.63 7.98
CA THR A 312 -3.29 -7.20 7.13
C THR A 312 -1.99 -7.71 7.74
N ASP A 313 -1.01 -7.99 6.88
CA ASP A 313 0.29 -8.49 7.33
C ASP A 313 1.03 -7.49 8.23
N GLY A 314 0.80 -6.19 8.04
CA GLY A 314 1.37 -5.20 8.94
C GLY A 314 0.73 -5.20 10.31
N MET A 315 -0.52 -5.66 10.42
CA MET A 315 -1.23 -5.58 11.69
C MET A 315 -0.77 -6.65 12.67
N LEU A 316 -0.38 -7.82 12.16
CA LEU A 316 0.12 -8.86 13.06
C LEU A 316 1.52 -8.54 13.57
N LEU A 317 2.28 -7.72 12.83
CA LEU A 317 3.55 -7.21 13.34
C LEU A 317 3.34 -6.30 14.54
N ARG A 318 2.31 -5.45 14.48
CA ARG A 318 2.01 -4.54 15.59
C ARG A 318 1.51 -5.30 16.82
N GLU A 319 0.97 -6.50 16.62
CA GLU A 319 0.50 -7.33 17.71
C GLU A 319 1.64 -7.86 18.57
N PHE A 320 2.87 -7.91 18.02
CA PHE A 320 4.04 -8.34 18.79
C PHE A 320 4.40 -7.35 19.90
N LEU A 321 4.12 -6.06 19.68
CA LEU A 321 4.45 -5.05 20.68
C LEU A 321 3.62 -5.22 21.95
N THR A 322 2.35 -5.59 21.79
CA THR A 322 1.52 -5.85 22.96
C THR A 322 1.82 -7.23 23.56
N ASP A 323 1.85 -8.26 22.72
CA ASP A 323 2.07 -9.63 23.17
C ASP A 323 3.18 -10.24 22.34
N SER A 324 4.32 -10.53 22.97
CA SER A 324 5.49 -11.00 22.23
C SER A 324 5.33 -12.45 21.81
N LYS A 325 4.62 -13.25 22.59
CA LYS A 325 4.45 -14.66 22.29
C LYS A 325 3.29 -14.94 21.35
N LEU A 326 2.43 -13.94 21.10
CA LEU A 326 1.13 -14.09 20.43
C LEU A 326 0.31 -15.18 21.12
N SER A 327 0.10 -14.99 22.42
CA SER A 327 -0.44 -16.06 23.26
C SER A 327 -1.93 -16.30 23.02
N LYS A 328 -2.65 -15.29 22.52
CA LYS A 328 -4.08 -15.45 22.31
C LYS A 328 -4.40 -16.29 21.08
N TYR A 329 -3.45 -16.49 20.18
CA TYR A 329 -3.71 -17.19 18.93
C TYR A 329 -3.32 -18.66 19.04
N SER A 330 -4.23 -19.54 18.64
CA SER A 330 -3.90 -20.97 18.56
C SER A 330 -3.24 -21.31 17.23
N CYS A 331 -3.70 -20.71 16.14
CA CYS A 331 -3.19 -21.00 14.82
C CYS A 331 -3.05 -19.70 14.04
N ILE A 332 -1.95 -19.59 13.30
CA ILE A 332 -1.66 -18.44 12.46
C ILE A 332 -1.52 -18.95 11.04
N MET A 333 -2.17 -18.28 10.09
CA MET A 333 -2.04 -18.65 8.69
C MET A 333 -1.51 -17.46 7.92
N ILE A 334 -0.30 -17.60 7.40
CA ILE A 334 0.31 -16.58 6.56
C ILE A 334 -0.10 -16.92 5.13
N ASP A 335 -1.00 -16.14 4.57
CA ASP A 335 -1.55 -16.38 3.25
C ASP A 335 -0.87 -15.44 2.26
N GLU A 336 -0.82 -15.86 1.00
CA GLU A 336 -0.18 -15.14 -0.11
C GLU A 336 1.30 -14.90 0.18
N ALA A 337 1.98 -15.92 0.69
CA ALA A 337 3.38 -15.76 1.09
C ALA A 337 4.31 -15.71 -0.12
N HIS A 338 3.86 -16.20 -1.28
CA HIS A 338 4.67 -16.10 -2.50
C HIS A 338 4.80 -14.67 -2.99
N GLU A 339 3.92 -13.76 -2.55
CA GLU A 339 4.01 -12.36 -2.92
C GLU A 339 5.27 -11.71 -2.36
N ARG A 340 5.75 -12.21 -1.21
CA ARG A 340 7.01 -11.83 -0.58
C ARG A 340 7.05 -10.35 -0.24
N THR A 341 6.01 -9.87 0.43
CA THR A 341 5.99 -8.50 0.90
C THR A 341 6.94 -8.32 2.07
N LEU A 342 7.17 -7.06 2.44
CA LEU A 342 8.08 -6.74 3.53
C LEU A 342 7.55 -7.27 4.87
N ALA A 343 6.28 -6.98 5.15
CA ALA A 343 5.68 -7.36 6.43
C ALA A 343 5.55 -8.87 6.56
N THR A 344 5.42 -9.59 5.45
CA THR A 344 5.39 -11.05 5.49
C THR A 344 6.76 -11.61 5.86
N ASP A 345 7.83 -10.99 5.36
CA ASP A 345 9.18 -11.51 5.57
C ASP A 345 9.62 -11.41 7.03
N ILE A 346 9.27 -10.31 7.70
CA ILE A 346 9.61 -10.18 9.12
C ILE A 346 8.68 -11.04 9.98
N LEU A 347 7.43 -11.25 9.55
CA LEU A 347 6.55 -12.20 10.22
C LEU A 347 7.10 -13.63 10.15
N ILE A 348 7.70 -14.01 9.03
CA ILE A 348 8.35 -15.32 8.96
C ILE A 348 9.58 -15.35 9.85
N GLY A 349 10.30 -14.24 9.94
CA GLY A 349 11.47 -14.18 10.80
C GLY A 349 11.13 -14.17 12.28
N LEU A 350 10.09 -13.42 12.66
CA LEU A 350 9.72 -13.32 14.07
C LEU A 350 9.07 -14.60 14.57
N LEU A 351 8.23 -15.23 13.75
CA LEU A 351 7.60 -16.48 14.16
C LEU A 351 8.58 -17.64 14.22
N LYS A 352 9.69 -17.56 13.49
CA LYS A 352 10.74 -18.58 13.57
C LYS A 352 11.34 -18.65 14.96
N ASP A 353 11.45 -17.51 15.65
CA ASP A 353 12.04 -17.49 16.99
C ASP A 353 11.08 -18.06 18.03
N ILE A 354 9.77 -17.89 17.84
CA ILE A 354 8.80 -18.20 18.88
C ILE A 354 8.43 -19.68 18.87
N LEU A 355 8.66 -20.39 17.76
CA LEU A 355 8.32 -21.81 17.67
C LEU A 355 9.03 -22.74 18.66
N PRO A 356 10.30 -22.54 19.05
CA PRO A 356 10.78 -23.29 20.22
C PRO A 356 10.12 -22.88 21.52
N GLN A 357 9.71 -21.62 21.64
CA GLN A 357 9.10 -21.13 22.88
C GLN A 357 7.68 -21.66 23.05
N ARG A 358 6.92 -21.71 21.95
CA ARG A 358 5.55 -22.23 22.00
C ARG A 358 5.43 -23.52 21.20
N PRO A 359 5.18 -24.66 21.86
CA PRO A 359 4.96 -25.91 21.11
C PRO A 359 3.53 -26.11 20.62
N THR A 360 2.56 -25.35 21.11
CA THR A 360 1.16 -25.53 20.74
C THR A 360 0.69 -24.53 19.69
N LEU A 361 1.58 -23.71 19.14
CA LEU A 361 1.25 -22.79 18.08
C LEU A 361 1.58 -23.45 16.74
N LYS A 362 0.55 -23.57 15.89
CA LYS A 362 0.74 -24.12 14.52
C LYS A 362 0.54 -22.99 13.51
N LEU A 363 1.52 -22.78 12.63
CA LEU A 363 1.45 -21.70 11.61
C LEU A 363 1.44 -22.33 10.22
N LEU A 364 0.49 -21.93 9.37
CA LEU A 364 0.37 -22.50 8.00
C LEU A 364 0.75 -21.44 6.97
N ILE A 365 1.68 -21.77 6.08
CA ILE A 365 2.04 -20.94 4.94
C ILE A 365 1.22 -21.41 3.75
N SER A 366 0.40 -20.53 3.19
CA SER A 366 -0.37 -20.86 1.99
C SER A 366 -0.01 -19.89 0.89
N SER A 367 0.20 -20.42 -0.31
CA SER A 367 0.65 -19.62 -1.44
C SER A 367 0.19 -20.28 -2.73
N ALA A 368 0.47 -19.60 -3.84
CA ALA A 368 0.28 -20.18 -5.16
C ALA A 368 1.33 -21.27 -5.43
N THR A 369 1.16 -21.98 -6.54
CA THR A 369 2.04 -23.09 -6.88
C THR A 369 3.41 -22.59 -7.36
N MET A 370 4.19 -22.04 -6.43
CA MET A 370 5.53 -21.55 -6.65
C MET A 370 6.48 -22.47 -5.89
N ASN A 371 7.78 -22.39 -6.22
CA ASN A 371 8.78 -23.24 -5.60
C ASN A 371 8.90 -22.93 -4.11
N ALA A 372 8.38 -23.82 -3.26
CA ALA A 372 8.38 -23.66 -1.82
C ALA A 372 9.55 -24.37 -1.16
N LYS A 373 10.59 -24.68 -1.92
CA LYS A 373 11.80 -25.25 -1.35
C LYS A 373 12.51 -24.23 -0.47
N LYS A 374 12.42 -22.95 -0.82
CA LYS A 374 13.07 -21.91 -0.03
C LYS A 374 12.36 -21.69 1.31
N PHE A 375 11.02 -21.79 1.33
CA PHE A 375 10.28 -21.75 2.58
C PHE A 375 10.56 -22.99 3.43
N SER A 376 10.69 -24.15 2.79
CA SER A 376 10.89 -25.39 3.53
C SER A 376 12.28 -25.48 4.14
N GLU A 377 13.29 -24.89 3.48
CA GLU A 377 14.63 -24.85 4.06
C GLU A 377 14.68 -23.95 5.30
N PHE A 378 13.87 -22.89 5.31
CA PHE A 378 13.93 -21.93 6.41
C PHE A 378 13.36 -22.52 7.71
N PHE A 379 12.32 -23.33 7.60
CA PHE A 379 11.67 -23.94 8.75
C PHE A 379 12.18 -25.35 9.04
N ASP A 380 13.44 -25.63 8.71
CA ASP A 380 14.15 -26.87 9.03
C ASP A 380 13.45 -28.09 8.42
N ASN A 381 13.45 -28.11 7.08
CA ASN A 381 12.93 -29.20 6.25
C ASN A 381 11.44 -29.42 6.50
N CYS A 382 10.68 -28.36 6.32
CA CYS A 382 9.24 -28.39 6.57
C CYS A 382 8.53 -29.17 5.46
N PRO A 383 7.56 -30.00 5.80
CA PRO A 383 6.77 -30.69 4.76
C PRO A 383 5.86 -29.75 4.00
N ILE A 384 5.71 -30.02 2.70
CA ILE A 384 4.93 -29.21 1.79
C ILE A 384 3.74 -30.02 1.31
N PHE A 385 2.55 -29.43 1.39
CA PHE A 385 1.32 -30.05 0.90
C PHE A 385 0.89 -29.33 -0.36
N ASN A 386 0.59 -30.08 -1.41
CA ASN A 386 0.19 -29.52 -2.69
C ASN A 386 -1.23 -29.92 -3.00
N VAL A 387 -2.07 -28.93 -3.30
CA VAL A 387 -3.45 -29.16 -3.74
C VAL A 387 -3.47 -29.09 -5.26
N PRO A 388 -3.72 -30.19 -5.96
CA PRO A 388 -3.81 -30.12 -7.43
C PRO A 388 -5.03 -29.32 -7.88
N GLY A 389 -4.81 -28.45 -8.85
CA GLY A 389 -5.83 -27.52 -9.33
C GLY A 389 -6.32 -27.92 -10.70
N ARG A 390 -7.64 -27.85 -10.88
CA ARG A 390 -8.28 -28.17 -12.15
C ARG A 390 -8.33 -26.89 -12.97
N ARG A 391 -7.49 -26.80 -13.99
CA ARG A 391 -7.44 -25.62 -14.83
C ARG A 391 -7.54 -26.04 -16.29
N TYR A 392 -8.06 -25.14 -17.11
CA TYR A 392 -8.28 -25.35 -18.53
C TYR A 392 -7.23 -24.58 -19.32
N PRO A 393 -6.90 -25.03 -20.54
CA PRO A 393 -5.85 -24.34 -21.31
C PRO A 393 -6.33 -22.99 -21.81
N VAL A 394 -5.43 -22.01 -21.75
CA VAL A 394 -5.70 -20.64 -22.18
C VAL A 394 -4.93 -20.35 -23.45
N ASP A 395 -5.61 -19.76 -24.43
CA ASP A 395 -4.94 -19.25 -25.61
C ASP A 395 -4.39 -17.87 -25.28
N ILE A 396 -3.09 -17.68 -25.56
CA ILE A 396 -2.38 -16.47 -25.15
C ILE A 396 -1.99 -15.69 -26.39
N HIS A 397 -2.42 -14.44 -26.46
CA HIS A 397 -2.33 -13.63 -27.67
C HIS A 397 -1.34 -12.49 -27.48
N TYR A 398 -0.58 -12.19 -28.53
CA TYR A 398 0.48 -11.20 -28.50
C TYR A 398 0.27 -10.18 -29.62
N THR A 399 0.72 -8.95 -29.41
CA THR A 399 0.68 -7.96 -30.49
C THR A 399 1.78 -8.20 -31.53
N LEU A 400 1.52 -7.76 -32.76
CA LEU A 400 2.54 -7.78 -33.80
C LEU A 400 3.69 -6.83 -33.48
N GLN A 401 3.37 -5.61 -33.07
CA GLN A 401 4.33 -4.57 -32.76
C GLN A 401 3.98 -4.01 -31.37
N PRO A 402 4.94 -3.41 -30.69
CA PRO A 402 4.62 -2.75 -29.41
C PRO A 402 3.72 -1.54 -29.61
N GLU A 403 2.88 -1.28 -28.62
CA GLU A 403 1.83 -0.29 -28.72
C GLU A 403 2.28 1.03 -28.12
N ALA A 404 1.91 2.13 -28.78
CA ALA A 404 2.22 3.45 -28.26
C ALA A 404 1.46 3.74 -26.98
N ASN A 405 0.18 3.38 -26.94
CA ASN A 405 -0.64 3.51 -25.75
C ASN A 405 -1.30 2.18 -25.46
N TYR A 406 -0.93 1.55 -24.34
CA TYR A 406 -1.57 0.28 -23.98
C TYR A 406 -2.98 0.50 -23.46
N ILE A 407 -3.27 1.68 -22.92
CA ILE A 407 -4.59 1.97 -22.37
C ILE A 407 -5.63 2.01 -23.50
N HIS A 408 -5.28 2.64 -24.62
CA HIS A 408 -6.16 2.65 -25.77
C HIS A 408 -6.26 1.27 -26.40
N ALA A 409 -5.17 0.50 -26.38
CA ALA A 409 -5.20 -0.86 -26.89
C ALA A 409 -6.03 -1.77 -26.01
N ALA A 410 -6.04 -1.53 -24.70
CA ALA A 410 -6.82 -2.37 -23.80
C ALA A 410 -8.32 -2.08 -23.91
N ILE A 411 -8.68 -0.81 -24.14
CA ILE A 411 -10.08 -0.44 -24.32
C ILE A 411 -10.63 -1.05 -25.60
N THR A 412 -9.84 -1.04 -26.67
CA THR A 412 -10.25 -1.60 -27.95
C THR A 412 -10.38 -3.12 -27.86
N THR A 413 -9.52 -3.77 -27.07
CA THR A 413 -9.59 -5.22 -26.90
C THR A 413 -10.85 -5.64 -26.17
N ILE A 414 -11.37 -4.79 -25.28
CA ILE A 414 -12.64 -5.08 -24.60
C ILE A 414 -13.78 -5.13 -25.60
N PHE A 415 -13.79 -4.20 -26.56
CA PHE A 415 -14.90 -4.09 -27.51
C PHE A 415 -14.89 -5.21 -28.54
N GLN A 416 -13.71 -5.62 -29.00
CA GLN A 416 -13.64 -6.72 -29.96
C GLN A 416 -14.01 -8.05 -29.29
N ILE A 417 -13.83 -8.16 -27.97
CA ILE A 417 -14.39 -9.28 -27.25
C ILE A 417 -15.90 -9.11 -27.08
N HIS A 418 -16.33 -7.89 -26.75
CA HIS A 418 -17.73 -7.64 -26.39
C HIS A 418 -18.66 -7.83 -27.58
N THR A 419 -18.27 -7.32 -28.75
CA THR A 419 -19.16 -7.35 -29.90
C THR A 419 -19.13 -8.68 -30.64
N THR A 420 -17.96 -9.33 -30.71
CA THR A 420 -17.78 -10.47 -31.60
C THR A 420 -17.77 -11.82 -30.89
N GLN A 421 -18.08 -11.86 -29.60
CA GLN A 421 -18.10 -13.13 -28.88
C GLN A 421 -19.46 -13.33 -28.22
N SER A 422 -19.69 -14.55 -27.74
CA SER A 422 -20.98 -14.97 -27.22
C SER A 422 -20.95 -15.04 -25.70
N LEU A 423 -22.01 -14.51 -25.07
CA LEU A 423 -22.17 -14.58 -23.63
C LEU A 423 -22.46 -16.03 -23.21
N PRO A 424 -22.07 -16.43 -21.98
CA PRO A 424 -21.40 -15.69 -20.89
C PRO A 424 -19.86 -15.76 -20.92
N GLY A 425 -19.25 -14.57 -20.95
CA GLY A 425 -17.81 -14.45 -20.79
C GLY A 425 -17.45 -13.12 -20.19
N ASP A 426 -16.76 -13.13 -19.04
CA ASP A 426 -16.40 -11.91 -18.34
C ASP A 426 -14.95 -11.55 -18.61
N ILE A 427 -14.68 -10.25 -18.68
CA ILE A 427 -13.37 -9.71 -19.04
C ILE A 427 -12.67 -9.21 -17.78
N LEU A 428 -11.43 -9.62 -17.59
CA LEU A 428 -10.58 -9.14 -16.50
C LEU A 428 -9.43 -8.34 -17.09
N VAL A 429 -9.34 -7.07 -16.73
CA VAL A 429 -8.30 -6.17 -17.23
C VAL A 429 -7.41 -5.77 -16.07
N PHE A 430 -6.10 -5.92 -16.24
CA PHE A 430 -5.12 -5.60 -15.20
C PHE A 430 -4.54 -4.22 -15.46
N LEU A 431 -4.88 -3.26 -14.60
CA LEU A 431 -4.38 -1.90 -14.71
C LEU A 431 -3.48 -1.60 -13.51
N THR A 432 -2.66 -0.56 -13.64
CA THR A 432 -1.59 -0.33 -12.68
C THR A 432 -2.12 0.25 -11.38
N GLY A 433 -2.80 1.41 -11.45
CA GLY A 433 -3.22 2.11 -10.26
C GLY A 433 -4.66 2.58 -10.39
N GLN A 434 -5.19 3.08 -9.26
CA GLN A 434 -6.57 3.55 -9.22
C GLN A 434 -6.79 4.79 -10.08
N GLU A 435 -5.73 5.55 -10.35
CA GLU A 435 -5.87 6.74 -11.19
C GLU A 435 -6.10 6.35 -12.64
N GLU A 436 -5.44 5.28 -13.12
CA GLU A 436 -5.67 4.81 -14.48
C GLU A 436 -6.97 4.03 -14.60
N ILE A 437 -7.43 3.39 -13.52
CA ILE A 437 -8.68 2.65 -13.56
C ILE A 437 -9.86 3.60 -13.74
N GLU A 438 -9.85 4.73 -13.02
CA GLU A 438 -10.98 5.66 -13.10
C GLU A 438 -10.98 6.43 -14.42
N ARG A 439 -9.80 6.71 -14.98
CA ARG A 439 -9.75 7.28 -16.32
C ARG A 439 -10.24 6.30 -17.37
N THR A 440 -9.92 5.02 -17.19
CA THR A 440 -10.37 4.01 -18.14
C THR A 440 -11.88 3.78 -18.00
N LYS A 441 -12.39 3.80 -16.76
CA LYS A 441 -13.80 3.52 -16.51
C LYS A 441 -14.70 4.62 -17.08
N THR A 442 -14.33 5.89 -16.90
CA THR A 442 -15.14 6.97 -17.44
C THR A 442 -15.04 7.04 -18.96
N LYS A 443 -13.89 6.65 -19.53
CA LYS A 443 -13.79 6.51 -20.98
C LYS A 443 -14.64 5.35 -21.48
N LEU A 444 -14.66 4.24 -20.74
CA LEU A 444 -15.40 3.06 -21.17
C LEU A 444 -16.90 3.25 -20.98
N GLU A 445 -17.30 4.02 -19.96
CA GLU A 445 -18.69 4.41 -19.81
C GLU A 445 -19.13 5.38 -20.90
N GLU A 446 -18.22 6.24 -21.37
CA GLU A 446 -18.55 7.26 -22.35
C GLU A 446 -18.87 6.62 -23.71
N ILE A 447 -18.15 5.56 -24.07
CA ILE A 447 -18.38 4.90 -25.35
C ILE A 447 -19.68 4.11 -25.32
N MET A 448 -20.00 3.47 -24.20
CA MET A 448 -21.23 2.69 -24.09
C MET A 448 -22.47 3.57 -24.14
N SER A 449 -22.36 4.83 -23.71
CA SER A 449 -23.46 5.76 -23.86
C SER A 449 -23.70 6.10 -25.34
N LYS A 450 -22.62 6.18 -26.12
CA LYS A 450 -22.75 6.47 -27.54
C LYS A 450 -23.31 5.28 -28.31
N LEU A 451 -22.90 4.06 -27.93
CA LEU A 451 -23.41 2.86 -28.57
C LEU A 451 -24.90 2.66 -28.29
N GLY A 452 -25.30 2.84 -27.03
CA GLY A 452 -26.72 2.83 -26.69
C GLY A 452 -27.37 1.46 -26.73
N SER A 453 -28.51 1.39 -27.42
CA SER A 453 -29.39 0.22 -27.34
C SER A 453 -28.81 -0.98 -28.08
N ARG A 454 -28.03 -0.74 -29.14
CA ARG A 454 -27.57 -1.84 -29.99
C ARG A 454 -26.58 -2.76 -29.26
N THR A 455 -25.57 -2.19 -28.61
CA THR A 455 -24.59 -2.97 -27.91
C THR A 455 -25.16 -3.46 -26.58
N LYS A 456 -24.77 -4.67 -26.18
CA LYS A 456 -25.26 -5.28 -24.95
C LYS A 456 -24.74 -4.55 -23.73
N GLN A 457 -25.42 -4.75 -22.60
CA GLN A 457 -25.12 -4.00 -21.39
C GLN A 457 -23.78 -4.42 -20.78
N MET A 458 -22.93 -3.45 -20.49
CA MET A 458 -21.62 -3.67 -19.90
C MET A 458 -21.63 -3.24 -18.44
N ILE A 459 -21.14 -4.11 -17.56
CA ILE A 459 -21.04 -3.82 -16.14
C ILE A 459 -19.57 -3.65 -15.80
N ILE A 460 -19.18 -2.44 -15.41
CA ILE A 460 -17.80 -2.08 -15.16
C ILE A 460 -17.58 -1.97 -13.66
N THR A 461 -16.76 -2.87 -13.10
CA THR A 461 -16.50 -2.89 -11.67
C THR A 461 -15.02 -2.62 -11.42
N PRO A 462 -14.66 -1.53 -10.72
CA PRO A 462 -13.26 -1.29 -10.40
C PRO A 462 -12.79 -2.00 -9.13
N ILE A 463 -11.55 -2.46 -9.17
CA ILE A 463 -10.87 -3.04 -8.00
C ILE A 463 -9.53 -2.34 -7.85
N TYR A 464 -9.31 -1.71 -6.70
CA TYR A 464 -8.03 -1.09 -6.40
C TYR A 464 -7.80 -1.09 -4.90
N ALA A 465 -6.74 -0.39 -4.48
CA ALA A 465 -6.20 -0.57 -3.13
C ALA A 465 -7.09 0.05 -2.05
N ASN A 466 -7.46 1.32 -2.22
CA ASN A 466 -8.30 2.01 -1.24
C ASN A 466 -9.77 2.00 -1.65
N LEU A 467 -10.22 0.88 -2.21
CA LEU A 467 -11.59 0.73 -2.63
C LEU A 467 -12.53 0.72 -1.42
N PRO A 468 -13.64 1.46 -1.47
CA PRO A 468 -14.57 1.47 -0.34
C PRO A 468 -15.30 0.15 -0.16
N GLN A 469 -15.85 -0.01 1.04
CA GLN A 469 -16.43 -1.29 1.45
C GLN A 469 -17.70 -1.62 0.67
N GLU A 470 -18.51 -0.61 0.35
CA GLU A 470 -19.72 -0.85 -0.42
C GLU A 470 -19.42 -1.20 -1.87
N GLN A 471 -18.29 -0.72 -2.40
CA GLN A 471 -17.91 -1.07 -3.78
C GLN A 471 -17.38 -2.50 -3.86
N GLN A 472 -16.86 -3.03 -2.75
CA GLN A 472 -16.28 -4.37 -2.75
C GLN A 472 -17.35 -5.45 -2.87
N LEU A 473 -18.59 -5.16 -2.51
CA LEU A 473 -19.66 -6.12 -2.70
C LEU A 473 -20.09 -6.19 -4.17
N LYS A 474 -19.86 -5.12 -4.93
CA LYS A 474 -20.33 -5.06 -6.32
C LYS A 474 -19.56 -6.02 -7.22
N ILE A 475 -18.30 -6.28 -6.91
CA ILE A 475 -17.44 -7.04 -7.83
C ILE A 475 -17.75 -8.53 -7.77
N PHE A 476 -18.31 -9.02 -6.68
CA PHE A 476 -18.60 -10.44 -6.53
C PHE A 476 -20.05 -10.80 -6.86
N GLN A 477 -20.86 -9.83 -7.26
CA GLN A 477 -22.24 -10.13 -7.59
C GLN A 477 -22.32 -10.89 -8.92
N PRO A 478 -23.21 -11.89 -9.01
CA PRO A 478 -23.39 -12.58 -10.29
C PRO A 478 -24.03 -11.66 -11.31
N THR A 479 -23.47 -11.65 -12.52
CA THR A 479 -23.95 -10.73 -13.55
C THR A 479 -25.29 -11.20 -14.09
N PRO A 480 -26.20 -10.28 -14.41
CA PRO A 480 -27.50 -10.66 -14.97
C PRO A 480 -27.38 -11.21 -16.38
N GLU A 481 -28.48 -11.81 -16.83
CA GLU A 481 -28.57 -12.30 -18.21
C GLU A 481 -28.49 -11.14 -19.19
N ASN A 482 -27.91 -11.43 -20.36
CA ASN A 482 -27.66 -10.50 -21.46
C ASN A 482 -26.72 -9.36 -21.07
N CYS A 483 -25.89 -9.55 -20.05
CA CYS A 483 -24.93 -8.56 -19.60
C CYS A 483 -23.54 -9.15 -19.53
N ARG A 484 -22.54 -8.34 -19.87
CA ARG A 484 -21.14 -8.74 -19.80
C ARG A 484 -20.44 -7.90 -18.74
N LYS A 485 -19.76 -8.58 -17.81
CA LYS A 485 -19.00 -7.91 -16.76
C LYS A 485 -17.58 -7.66 -17.24
N VAL A 486 -17.13 -6.42 -17.16
CA VAL A 486 -15.75 -6.04 -17.48
C VAL A 486 -15.11 -5.56 -16.19
N VAL A 487 -14.17 -6.34 -15.66
CA VAL A 487 -13.56 -6.05 -14.38
C VAL A 487 -12.24 -5.33 -14.61
N LEU A 488 -12.12 -4.14 -14.04
CA LEU A 488 -10.89 -3.34 -14.09
C LEU A 488 -10.21 -3.45 -12.74
N ALA A 489 -9.02 -4.06 -12.71
CA ALA A 489 -8.41 -4.42 -11.44
C ALA A 489 -6.91 -4.17 -11.48
N THR A 490 -6.33 -4.04 -10.29
CA THR A 490 -4.89 -4.08 -10.08
C THR A 490 -4.48 -5.54 -9.82
N ASN A 491 -3.30 -5.74 -9.24
CA ASN A 491 -2.75 -7.06 -8.92
C ASN A 491 -3.52 -7.81 -7.83
N ILE A 492 -4.57 -7.21 -7.24
CA ILE A 492 -5.36 -7.91 -6.24
C ILE A 492 -6.11 -9.08 -6.86
N ALA A 493 -6.60 -8.89 -8.10
CA ALA A 493 -7.31 -9.95 -8.79
C ALA A 493 -6.39 -11.02 -9.34
N GLU A 494 -5.07 -10.77 -9.37
CA GLU A 494 -4.12 -11.74 -9.87
C GLU A 494 -4.04 -12.96 -8.96
N THR A 495 -3.76 -12.74 -7.68
CA THR A 495 -3.53 -13.81 -6.73
C THR A 495 -4.46 -13.79 -5.51
N SER A 496 -4.82 -12.61 -5.02
CA SER A 496 -5.47 -12.52 -3.71
C SER A 496 -6.94 -12.95 -3.77
N LEU A 497 -7.66 -12.54 -4.81
CA LEU A 497 -9.07 -12.87 -4.93
C LEU A 497 -9.39 -13.27 -6.36
N THR A 498 -10.39 -14.12 -6.52
CA THR A 498 -10.86 -14.57 -7.82
C THR A 498 -12.28 -14.10 -8.06
N ILE A 499 -12.52 -13.56 -9.25
CA ILE A 499 -13.85 -13.21 -9.70
C ILE A 499 -14.40 -14.39 -10.50
N ASP A 500 -15.58 -14.85 -10.13
CA ASP A 500 -16.16 -16.04 -10.76
C ASP A 500 -16.65 -15.69 -12.17
N GLY A 501 -16.39 -16.59 -13.11
CA GLY A 501 -16.90 -16.46 -14.46
C GLY A 501 -16.01 -15.75 -15.45
N ILE A 502 -14.73 -15.55 -15.14
CA ILE A 502 -13.82 -14.86 -16.06
C ILE A 502 -13.48 -15.79 -17.22
N ARG A 503 -13.68 -15.30 -18.44
CA ARG A 503 -13.29 -16.02 -19.65
C ARG A 503 -12.26 -15.29 -20.49
N TYR A 504 -12.01 -14.02 -20.23
CA TYR A 504 -11.06 -13.23 -21.02
C TYR A 504 -10.20 -12.40 -20.10
N VAL A 505 -8.89 -12.38 -20.36
CA VAL A 505 -7.93 -11.62 -19.57
C VAL A 505 -7.15 -10.73 -20.52
N ILE A 506 -7.08 -9.43 -20.20
CA ILE A 506 -6.28 -8.47 -20.95
C ILE A 506 -5.13 -8.02 -20.06
N ASP A 507 -3.90 -8.25 -20.51
CA ASP A 507 -2.71 -8.04 -19.70
C ASP A 507 -1.76 -7.06 -20.36
N PRO A 508 -1.72 -5.80 -19.93
CA PRO A 508 -0.67 -4.89 -20.42
C PRO A 508 0.72 -5.25 -19.93
N GLY A 509 0.85 -5.69 -18.68
CA GLY A 509 2.11 -6.15 -18.17
C GLY A 509 2.91 -5.16 -17.34
N PHE A 510 2.26 -4.26 -16.62
CA PHE A 510 2.94 -3.31 -15.74
C PHE A 510 2.44 -3.45 -14.32
N VAL A 511 3.35 -3.30 -13.37
CA VAL A 511 3.04 -3.23 -11.94
C VAL A 511 3.58 -1.91 -11.40
N LYS A 512 2.70 -1.15 -10.76
CA LYS A 512 3.13 0.04 -10.04
C LYS A 512 3.67 -0.37 -8.67
N GLU A 513 4.88 0.07 -8.35
CA GLU A 513 5.54 -0.36 -7.13
C GLU A 513 6.36 0.78 -6.53
N ASN A 514 6.72 0.61 -5.25
CA ASN A 514 7.58 1.54 -4.54
C ASN A 514 9.00 1.00 -4.53
N SER A 515 9.94 1.79 -5.03
CA SER A 515 11.34 1.40 -5.11
C SER A 515 12.17 2.33 -4.25
N TYR A 516 12.98 1.74 -3.36
CA TYR A 516 13.87 2.49 -2.49
C TYR A 516 15.31 2.23 -2.88
N VAL A 517 16.08 3.28 -3.09
CA VAL A 517 17.50 3.20 -3.42
C VAL A 517 18.30 3.66 -2.20
N PRO A 518 19.24 2.86 -1.70
CA PRO A 518 19.88 3.19 -0.42
C PRO A 518 20.89 4.33 -0.53
N SER A 519 21.62 4.42 -1.64
CA SER A 519 22.63 5.45 -1.80
C SER A 519 21.99 6.83 -1.90
N THR A 520 20.98 6.97 -2.76
CA THR A 520 20.26 8.23 -2.86
C THR A 520 19.38 8.47 -1.63
N GLY A 521 18.80 7.39 -1.08
CA GLY A 521 18.10 7.48 0.18
C GLY A 521 16.64 7.87 0.10
N MET A 522 16.01 7.72 -1.06
CA MET A 522 14.62 8.11 -1.25
C MET A 522 13.83 7.00 -1.92
N THR A 523 12.52 6.99 -1.65
CA THR A 523 11.60 6.06 -2.25
C THR A 523 10.81 6.75 -3.36
N GLN A 524 10.60 6.05 -4.47
CA GLN A 524 9.84 6.55 -5.60
C GLN A 524 8.68 5.63 -5.90
N LEU A 525 7.58 6.20 -6.37
CA LEU A 525 6.50 5.42 -6.96
C LEU A 525 6.73 5.38 -8.47
N LEU A 526 7.07 4.20 -8.97
CA LEU A 526 7.33 4.02 -10.39
C LEU A 526 6.70 2.73 -10.87
N THR A 527 6.29 2.73 -12.13
CA THR A 527 5.63 1.59 -12.75
C THR A 527 6.61 0.90 -13.71
N VAL A 528 6.75 -0.41 -13.53
CA VAL A 528 7.79 -1.18 -14.20
C VAL A 528 7.13 -2.33 -14.94
N PRO A 529 7.77 -2.87 -15.98
CA PRO A 529 7.32 -4.14 -16.54
C PRO A 529 7.50 -5.26 -15.54
N CYS A 530 6.45 -6.05 -15.35
CA CYS A 530 6.48 -7.13 -14.38
C CYS A 530 7.11 -8.37 -14.97
N SER A 531 7.49 -9.29 -14.07
CA SER A 531 8.29 -10.45 -14.42
C SER A 531 7.48 -11.48 -15.21
N ARG A 532 8.18 -12.51 -15.69
CA ARG A 532 7.53 -13.57 -16.45
C ARG A 532 6.60 -14.41 -15.59
N ALA A 533 6.94 -14.61 -14.31
CA ALA A 533 6.12 -15.44 -13.44
C ALA A 533 4.78 -14.79 -13.11
N SER A 534 4.74 -13.46 -13.05
CA SER A 534 3.50 -12.77 -12.72
C SER A 534 2.57 -12.70 -13.92
N VAL A 535 3.13 -12.55 -15.12
CA VAL A 535 2.33 -12.52 -16.33
C VAL A 535 1.70 -13.89 -16.60
N ASP A 536 2.43 -14.96 -16.29
CA ASP A 536 1.87 -16.31 -16.38
C ASP A 536 0.81 -16.54 -15.31
N GLN A 537 0.92 -15.86 -14.18
CA GLN A 537 -0.11 -15.96 -13.15
C GLN A 537 -1.37 -15.22 -13.57
N ARG A 538 -1.23 -14.12 -14.31
CA ARG A 538 -2.39 -13.38 -14.80
C ARG A 538 -3.09 -14.13 -15.92
N ALA A 539 -2.36 -14.90 -16.72
CA ALA A 539 -2.96 -15.64 -17.82
C ALA A 539 -3.81 -16.80 -17.33
N GLY A 540 -3.51 -17.32 -16.13
CA GLY A 540 -4.25 -18.44 -15.58
C GLY A 540 -5.65 -18.11 -15.10
N ARG A 541 -6.01 -16.82 -15.06
CA ARG A 541 -7.33 -16.43 -14.56
C ARG A 541 -8.43 -16.74 -15.57
N ALA A 542 -8.10 -16.78 -16.86
CA ALA A 542 -9.08 -17.12 -17.87
C ALA A 542 -9.43 -18.62 -17.88
N GLY A 543 -8.57 -19.46 -17.29
CA GLY A 543 -8.73 -20.89 -17.34
C GLY A 543 -9.43 -21.53 -16.16
N ARG A 544 -10.12 -20.76 -15.32
CA ARG A 544 -10.77 -21.35 -14.16
C ARG A 544 -12.08 -22.06 -14.53
N VAL A 545 -13.04 -21.32 -15.06
CA VAL A 545 -14.36 -21.88 -15.31
C VAL A 545 -14.39 -22.65 -16.63
N GLY A 546 -13.56 -22.28 -17.59
CA GLY A 546 -13.50 -22.95 -18.86
C GLY A 546 -12.26 -22.54 -19.64
N PRO A 547 -12.16 -22.99 -20.90
CA PRO A 547 -11.06 -22.53 -21.76
C PRO A 547 -11.24 -21.05 -22.10
N GLY A 548 -10.18 -20.27 -21.87
CA GLY A 548 -10.26 -18.83 -21.99
C GLY A 548 -9.18 -18.30 -22.91
N LYS A 549 -9.25 -16.99 -23.16
CA LYS A 549 -8.27 -16.29 -23.97
C LYS A 549 -7.57 -15.23 -23.14
N CYS A 550 -6.25 -15.13 -23.30
CA CYS A 550 -5.46 -14.10 -22.67
C CYS A 550 -4.85 -13.21 -23.74
N PHE A 551 -5.05 -11.91 -23.59
CA PHE A 551 -4.56 -10.91 -24.55
C PHE A 551 -3.45 -10.09 -23.89
N ARG A 552 -2.29 -10.05 -24.53
CA ARG A 552 -1.13 -9.36 -24.01
C ARG A 552 -0.74 -8.25 -24.99
N ILE A 553 -0.54 -7.04 -24.46
CA ILE A 553 -0.32 -5.86 -25.29
C ILE A 553 1.13 -5.77 -25.78
N PHE A 554 1.99 -6.68 -25.33
CA PHE A 554 3.41 -6.70 -25.67
C PHE A 554 3.72 -7.88 -26.58
N THR A 555 4.72 -7.71 -27.45
CA THR A 555 5.09 -8.75 -28.41
C THR A 555 5.74 -9.94 -27.71
N LYS A 556 5.84 -11.05 -28.44
CA LYS A 556 6.48 -12.25 -27.93
C LYS A 556 7.98 -12.04 -27.76
N TRP A 557 8.58 -11.20 -28.62
CA TRP A 557 9.98 -10.85 -28.46
C TRP A 557 10.21 -10.01 -27.21
N SER A 558 9.19 -9.24 -26.78
CA SER A 558 9.28 -8.47 -25.55
C SER A 558 8.81 -9.25 -24.33
N TYR A 559 8.77 -10.56 -24.42
CA TYR A 559 8.42 -11.50 -23.38
C TYR A 559 9.51 -12.53 -23.13
N LEU A 560 10.19 -12.96 -24.19
CA LEU A 560 11.28 -13.92 -24.03
C LEU A 560 12.54 -13.24 -23.49
N HIS A 561 12.81 -12.01 -23.91
CA HIS A 561 14.07 -11.36 -23.60
C HIS A 561 13.96 -10.08 -22.78
N GLU A 562 12.82 -9.38 -22.83
CA GLU A 562 12.70 -8.08 -22.19
C GLU A 562 12.11 -8.15 -20.78
N LEU A 563 11.72 -9.33 -20.30
CA LEU A 563 11.07 -9.47 -19.00
C LEU A 563 11.91 -10.37 -18.09
N GLU A 564 11.98 -9.99 -16.82
CA GLU A 564 12.69 -10.79 -15.83
C GLU A 564 11.93 -12.09 -15.55
N LEU A 565 12.61 -13.03 -14.92
CA LEU A 565 12.05 -14.36 -14.73
C LEU A 565 11.25 -14.51 -13.44
N MET A 566 11.64 -13.83 -12.37
CA MET A 566 10.99 -13.92 -11.08
C MET A 566 10.92 -12.53 -10.46
N PRO A 567 10.02 -12.27 -9.51
CA PRO A 567 9.97 -10.95 -8.89
C PRO A 567 11.01 -10.80 -7.78
N LYS A 568 11.58 -9.62 -7.70
CA LYS A 568 12.43 -9.29 -6.57
C LYS A 568 11.57 -8.98 -5.34
N PRO A 569 11.93 -9.51 -4.18
CA PRO A 569 11.14 -9.27 -2.96
C PRO A 569 11.15 -7.81 -2.54
N GLU A 570 10.24 -7.47 -1.64
CA GLU A 570 10.09 -6.08 -1.22
C GLU A 570 11.19 -5.64 -0.27
N ILE A 571 11.79 -6.57 0.47
CA ILE A 571 12.86 -6.24 1.40
C ILE A 571 14.12 -5.77 0.66
N THR A 572 14.26 -6.10 -0.62
CA THR A 572 15.38 -5.59 -1.41
C THR A 572 15.23 -4.10 -1.72
N ARG A 573 13.99 -3.61 -1.87
CA ARG A 573 13.76 -2.17 -2.06
C ARG A 573 12.66 -1.68 -1.10
N THR A 574 13.08 -1.29 0.10
CA THR A 574 12.19 -0.65 1.08
C THR A 574 13.06 0.24 1.95
N ASN A 575 12.44 1.29 2.52
CA ASN A 575 13.15 2.22 3.39
C ASN A 575 13.65 1.55 4.66
N LEU A 576 12.85 0.63 5.23
CA LEU A 576 13.13 -0.18 6.42
C LEU A 576 13.28 0.63 7.71
N SER A 577 12.92 1.92 7.72
CA SER A 577 13.03 2.70 8.95
C SER A 577 11.99 2.27 9.97
N ASN A 578 10.77 1.97 9.51
CA ASN A 578 9.72 1.51 10.41
C ASN A 578 10.01 0.09 10.90
N THR A 579 10.69 -0.72 10.09
CA THR A 579 10.95 -2.11 10.44
C THR A 579 11.99 -2.23 11.55
N VAL A 580 13.10 -1.48 11.41
CA VAL A 580 14.18 -1.54 12.39
C VAL A 580 13.74 -0.98 13.73
N LEU A 581 12.93 0.07 13.71
CA LEU A 581 12.38 0.62 14.95
C LEU A 581 11.44 -0.36 15.63
N LEU A 582 10.73 -1.18 14.86
CA LEU A 582 9.88 -2.20 15.45
C LEU A 582 10.71 -3.37 16.00
N LEU A 583 11.82 -3.71 15.32
CA LEU A 583 12.64 -4.82 15.79
C LEU A 583 13.44 -4.45 17.03
N LEU A 584 13.90 -3.20 17.12
CA LEU A 584 14.58 -2.75 18.33
C LEU A 584 13.63 -2.66 19.52
N SER A 585 12.35 -2.41 19.26
CA SER A 585 11.36 -2.42 20.33
C SER A 585 11.14 -3.82 20.87
N LEU A 586 11.21 -4.83 20.01
CA LEU A 586 10.98 -6.21 20.43
C LEU A 586 12.21 -6.86 21.04
N GLY A 587 13.36 -6.22 20.97
CA GLY A 587 14.57 -6.77 21.54
C GLY A 587 15.52 -7.41 20.55
N VAL A 588 15.39 -7.13 19.25
CA VAL A 588 16.30 -7.66 18.24
C VAL A 588 17.48 -6.72 18.22
N THR A 589 18.50 -7.04 19.03
CA THR A 589 19.66 -6.17 19.16
C THR A 589 20.66 -6.38 18.04
N ASP A 590 20.87 -7.64 17.62
CA ASP A 590 21.98 -7.95 16.73
C ASP A 590 21.70 -7.47 15.31
N LEU A 591 20.52 -7.78 14.78
CA LEU A 591 19.88 -7.25 13.57
C LEU A 591 20.56 -7.73 12.28
N ILE A 592 21.74 -8.35 12.34
CA ILE A 592 22.34 -8.98 11.18
C ILE A 592 22.39 -10.49 11.29
N LYS A 593 22.21 -11.05 12.47
CA LYS A 593 22.11 -12.49 12.66
C LYS A 593 20.65 -12.90 12.85
N PHE A 594 19.73 -11.93 12.85
CA PHE A 594 18.31 -12.19 12.84
C PHE A 594 17.92 -12.93 11.57
N PRO A 595 17.38 -14.15 11.67
CA PRO A 595 17.24 -15.01 10.48
C PRO A 595 16.08 -14.58 9.59
N LEU A 596 16.39 -14.35 8.33
CA LEU A 596 15.41 -14.00 7.31
C LEU A 596 15.67 -14.85 6.08
N MET A 597 14.64 -14.99 5.24
CA MET A 597 14.80 -15.72 3.99
C MET A 597 15.68 -14.96 3.02
N ASP A 598 15.53 -13.64 2.96
CA ASP A 598 16.43 -12.77 2.22
C ASP A 598 16.90 -11.66 3.15
N LYS A 599 18.22 -11.56 3.31
CA LYS A 599 18.78 -10.55 4.20
C LYS A 599 18.66 -9.16 3.56
N PRO A 600 18.42 -8.13 4.35
CA PRO A 600 18.54 -6.77 3.84
C PRO A 600 19.99 -6.39 3.65
N SER A 601 20.23 -5.53 2.66
CA SER A 601 21.59 -5.14 2.34
C SER A 601 22.15 -4.19 3.40
N ILE A 602 23.48 -4.20 3.52
CA ILE A 602 24.15 -3.32 4.49
C ILE A 602 23.97 -1.84 4.18
N PRO A 603 24.02 -1.35 2.92
CA PRO A 603 23.67 0.06 2.69
C PRO A 603 22.22 0.42 2.99
N THR A 604 21.28 -0.53 2.88
CA THR A 604 19.91 -0.24 3.24
C THR A 604 19.76 -0.17 4.76
N LEU A 605 20.41 -1.08 5.47
CA LEU A 605 20.31 -1.15 6.92
C LEU A 605 21.04 0.01 7.58
N ARG A 606 22.10 0.51 6.94
CA ARG A 606 22.82 1.67 7.47
C ARG A 606 21.99 2.95 7.34
N LYS A 607 21.36 3.14 6.18
CA LYS A 607 20.55 4.34 5.95
C LYS A 607 19.27 4.31 6.79
N SER A 608 18.77 3.10 7.11
CA SER A 608 17.63 2.98 8.00
C SER A 608 17.97 3.40 9.43
N LEU A 609 19.19 3.10 9.88
CA LEU A 609 19.61 3.50 11.22
C LEU A 609 19.89 5.00 11.28
N GLU A 610 20.41 5.58 10.20
CA GLU A 610 20.67 7.01 10.17
C GLU A 610 19.37 7.81 10.13
N ASN A 611 18.31 7.25 9.57
CA ASN A 611 17.04 7.94 9.48
C ASN A 611 16.39 8.05 10.86
N LEU A 612 16.48 6.99 11.67
CA LEU A 612 15.91 7.04 13.02
C LEU A 612 16.70 7.97 13.93
N TYR A 613 18.00 8.13 13.66
CA TYR A 613 18.82 9.05 14.45
C TYR A 613 18.50 10.50 14.11
N ILE A 614 18.17 10.79 12.85
CA ILE A 614 17.73 12.12 12.45
C ILE A 614 16.39 12.45 13.08
N LEU A 615 15.45 11.48 13.04
CA LEU A 615 14.13 11.68 13.62
C LEU A 615 14.15 11.75 15.14
N GLY A 616 15.27 11.40 15.77
CA GLY A 616 15.34 11.44 17.21
C GLY A 616 14.72 10.25 17.89
N ALA A 617 14.29 9.24 17.14
CA ALA A 617 13.74 8.02 17.72
C ALA A 617 14.81 7.11 18.28
N LEU A 618 16.07 7.35 17.96
CA LEU A 618 17.15 6.49 18.38
C LEU A 618 18.26 7.33 18.97
N ASN A 619 18.78 6.91 20.11
CA ASN A 619 19.78 7.67 20.85
C ASN A 619 21.15 7.47 20.20
N SER A 620 22.09 8.38 20.54
CA SER A 620 23.46 8.25 20.05
C SER A 620 24.16 7.05 20.67
N LYS A 621 23.75 6.65 21.88
CA LYS A 621 24.18 5.38 22.44
C LYS A 621 23.58 4.18 21.72
N GLY A 622 22.51 4.39 20.96
CA GLY A 622 21.88 3.35 20.17
C GLY A 622 20.63 2.76 20.78
N THR A 623 20.35 3.03 22.05
CA THR A 623 19.13 2.53 22.67
C THR A 623 17.92 3.30 22.16
N ILE A 624 16.77 2.64 22.17
CA ILE A 624 15.54 3.30 21.76
C ILE A 624 15.10 4.27 22.85
N THR A 625 14.76 5.48 22.45
CA THR A 625 14.46 6.55 23.38
C THR A 625 12.97 6.60 23.69
N ARG A 626 12.58 7.60 24.50
CA ARG A 626 11.17 7.80 24.84
C ARG A 626 10.36 8.23 23.62
N LEU A 627 10.99 8.93 22.68
CA LEU A 627 10.33 9.26 21.42
C LEU A 627 10.15 8.02 20.55
N GLY A 628 11.14 7.12 20.54
CA GLY A 628 11.04 5.94 19.70
C GLY A 628 10.02 4.94 20.21
N LYS A 629 9.87 4.83 21.53
CA LYS A 629 8.79 4.03 22.10
C LYS A 629 7.43 4.66 21.82
N MET A 630 7.39 5.98 21.75
CA MET A 630 6.18 6.70 21.40
C MET A 630 5.79 6.49 19.94
N MET A 631 6.76 6.44 19.03
CA MET A 631 6.47 6.27 17.61
C MET A 631 5.89 4.91 17.29
N CYS A 632 6.22 3.88 18.07
CA CYS A 632 5.64 2.57 17.87
C CYS A 632 4.17 2.52 18.29
N GLU A 633 3.72 3.46 19.12
CA GLU A 633 2.33 3.46 19.59
C GLU A 633 1.37 3.85 18.47
N PHE A 634 1.78 4.76 17.59
CA PHE A 634 0.85 5.27 16.60
C PHE A 634 0.67 4.28 15.45
N PRO A 635 -0.53 4.23 14.85
CA PRO A 635 -0.75 3.42 13.64
C PRO A 635 -0.36 4.15 12.37
N CYS A 636 0.87 4.64 12.32
CA CYS A 636 1.36 5.42 11.20
C CYS A 636 2.86 5.17 11.05
N GLU A 637 3.44 5.77 10.02
CA GLU A 637 4.88 5.74 9.85
C GLU A 637 5.54 6.57 10.95
N PRO A 638 6.80 6.27 11.30
CA PRO A 638 7.50 7.07 12.32
C PRO A 638 7.71 8.52 11.95
N GLU A 639 7.66 8.87 10.66
CA GLU A 639 7.80 10.26 10.26
C GLU A 639 6.54 11.06 10.56
N PHE A 640 5.36 10.42 10.47
CA PHE A 640 4.14 11.11 10.84
C PHE A 640 3.99 11.23 12.35
N ALA A 641 4.52 10.27 13.10
CA ALA A 641 4.50 10.36 14.56
C ALA A 641 5.41 11.46 15.07
N LYS A 642 6.45 11.80 14.31
CA LYS A 642 7.34 12.91 14.68
C LYS A 642 6.64 14.25 14.52
N VAL A 643 5.77 14.38 13.50
CA VAL A 643 5.04 15.62 13.28
C VAL A 643 4.05 15.87 14.40
N LEU A 644 3.39 14.81 14.88
CA LEU A 644 2.43 14.96 15.97
C LEU A 644 3.14 15.19 17.30
N TYR A 645 4.35 14.66 17.47
CA TYR A 645 5.13 14.92 18.67
C TYR A 645 5.64 16.36 18.69
N THR A 646 6.05 16.88 17.54
CA THR A 646 6.62 18.22 17.45
C THR A 646 5.58 19.29 17.74
N ALA A 647 4.34 19.05 17.31
CA ALA A 647 3.28 20.04 17.50
C ALA A 647 2.86 20.15 18.95
N ALA A 648 3.00 19.07 19.72
CA ALA A 648 2.59 19.10 21.11
C ALA A 648 3.72 19.49 22.06
N THR A 649 4.98 19.33 21.64
CA THR A 649 6.11 19.43 22.58
C THR A 649 7.15 20.49 22.23
N HIS A 650 7.47 20.67 20.95
CA HIS A 650 8.61 21.50 20.58
C HIS A 650 8.32 22.98 20.79
N GLU A 651 9.30 23.69 21.39
CA GLU A 651 9.07 25.01 21.96
C GLU A 651 8.75 26.08 20.91
N GLN A 652 9.18 25.90 19.67
CA GLN A 652 8.82 26.84 18.62
C GLN A 652 7.49 26.48 17.96
N CYS A 653 7.01 25.25 18.15
CA CYS A 653 5.88 24.73 17.41
C CYS A 653 4.72 24.31 18.31
N GLN A 654 4.78 24.65 19.59
CA GLN A 654 3.97 23.98 20.59
C GLN A 654 2.55 24.54 20.56
N GLY A 655 1.56 23.65 20.40
CA GLY A 655 0.18 24.05 20.42
C GLY A 655 -0.61 23.88 19.13
N VAL A 656 -0.07 23.22 18.11
CA VAL A 656 -0.79 23.03 16.87
C VAL A 656 -1.05 21.54 16.59
N LEU A 657 -1.23 20.77 17.66
CA LEU A 657 -1.51 19.33 17.50
C LEU A 657 -2.88 19.09 16.87
N GLU A 658 -3.87 19.93 17.20
CA GLU A 658 -5.21 19.75 16.66
C GLU A 658 -5.25 20.02 15.16
N GLU A 659 -4.42 20.96 14.69
CA GLU A 659 -4.32 21.19 13.25
C GLU A 659 -3.50 20.11 12.56
N CYS A 660 -2.51 19.55 13.26
CA CYS A 660 -1.68 18.51 12.64
C CYS A 660 -2.37 17.16 12.59
N LEU A 661 -3.23 16.85 13.57
CA LEU A 661 -4.03 15.63 13.50
C LEU A 661 -5.01 15.67 12.34
N THR A 662 -5.44 16.86 11.94
CA THR A 662 -6.32 17.01 10.79
C THR A 662 -5.57 16.75 9.48
N ILE A 663 -4.39 17.36 9.33
CA ILE A 663 -3.66 17.32 8.07
C ILE A 663 -3.08 15.94 7.81
N VAL A 664 -2.59 15.28 8.86
CA VAL A 664 -2.08 13.91 8.74
C VAL A 664 -3.21 12.96 8.36
N SER A 665 -4.41 13.19 8.87
CA SER A 665 -5.55 12.34 8.53
C SER A 665 -6.02 12.58 7.10
N MET A 666 -5.93 13.81 6.62
CA MET A 666 -6.26 14.11 5.22
C MET A 666 -5.27 13.49 4.25
N LEU A 667 -4.01 13.31 4.68
CA LEU A 667 -2.99 12.81 3.76
C LEU A 667 -3.11 11.32 3.52
N HIS A 668 -3.77 10.58 4.41
CA HIS A 668 -3.98 9.15 4.17
C HIS A 668 -5.00 8.91 3.07
N GLU A 669 -5.95 9.83 2.88
CA GLU A 669 -7.05 9.65 1.93
C GLU A 669 -7.01 10.64 0.78
N THR A 670 -5.81 11.08 0.41
CA THR A 670 -5.67 12.12 -0.62
C THR A 670 -6.19 11.77 -2.02
N PRO A 671 -5.97 10.57 -2.60
CA PRO A 671 -6.50 10.34 -3.97
C PRO A 671 -8.02 10.30 -4.07
N SER A 672 -8.72 10.00 -2.99
CA SER A 672 -10.17 9.84 -3.02
C SER A 672 -10.92 11.07 -2.55
N LEU A 673 -10.25 12.22 -2.41
CA LEU A 673 -10.92 13.38 -1.82
C LEU A 673 -11.87 14.06 -2.78
N PHE A 674 -11.46 14.25 -4.04
CA PHE A 674 -12.12 15.19 -4.93
C PHE A 674 -12.88 14.49 -6.02
N ILE A 675 -14.08 15.01 -6.32
CA ILE A 675 -14.79 14.70 -7.55
C ILE A 675 -14.46 15.77 -8.57
N GLY A 676 -13.98 15.34 -9.74
CA GLY A 676 -13.54 16.29 -10.74
C GLY A 676 -12.15 16.81 -10.44
N GLN A 677 -11.83 17.94 -11.06
CA GLN A 677 -10.50 18.52 -10.92
C GLN A 677 -10.35 19.19 -9.56
N LYS A 678 -9.14 19.11 -9.00
CA LYS A 678 -8.89 19.60 -7.64
C LYS A 678 -8.97 21.12 -7.55
N ARG A 679 -8.61 21.85 -8.61
CA ARG A 679 -8.57 23.31 -8.54
C ARG A 679 -9.95 23.92 -8.47
N ASP A 680 -10.98 23.23 -8.97
CA ASP A 680 -12.33 23.76 -8.88
C ASP A 680 -12.88 23.63 -7.47
N ALA A 681 -12.59 22.51 -6.80
CA ALA A 681 -12.99 22.36 -5.40
C ALA A 681 -12.13 23.20 -4.47
N ALA A 682 -10.87 23.43 -4.84
CA ALA A 682 -10.00 24.24 -4.01
C ALA A 682 -10.38 25.71 -4.04
N ALA A 683 -10.85 26.20 -5.19
CA ALA A 683 -11.25 27.60 -5.29
C ALA A 683 -12.52 27.90 -4.51
N SER A 684 -13.36 26.88 -4.29
CA SER A 684 -14.62 27.11 -3.59
C SER A 684 -14.41 27.20 -2.08
N VAL A 685 -13.51 26.39 -1.52
CA VAL A 685 -13.35 26.35 -0.07
C VAL A 685 -12.55 27.54 0.43
N LEU A 686 -11.51 27.96 -0.29
CA LEU A 686 -10.72 29.12 0.11
C LEU A 686 -10.09 29.71 -1.15
N SER A 687 -10.14 31.05 -1.24
CA SER A 687 -9.82 31.73 -2.50
C SER A 687 -8.34 31.62 -2.86
N GLU A 688 -7.45 31.77 -1.88
CA GLU A 688 -6.03 31.65 -2.11
C GLU A 688 -5.41 30.76 -1.06
N VAL A 689 -4.86 29.62 -1.49
CA VAL A 689 -4.12 28.72 -0.63
C VAL A 689 -2.69 28.64 -1.15
N GLU A 690 -1.74 28.57 -0.23
CA GLU A 690 -0.33 28.52 -0.61
C GLU A 690 0.11 27.10 -0.94
N SER A 691 -0.31 26.12 -0.12
CA SER A 691 0.20 24.77 -0.22
C SER A 691 -0.92 23.77 -0.02
N ASP A 692 -0.60 22.50 -0.27
CA ASP A 692 -1.60 21.43 -0.21
C ASP A 692 -2.02 21.12 1.22
N HIS A 693 -1.08 21.20 2.17
CA HIS A 693 -1.37 20.86 3.56
C HIS A 693 -2.35 21.85 4.18
N ILE A 694 -2.22 23.13 3.83
CA ILE A 694 -3.11 24.15 4.39
C ILE A 694 -4.48 24.04 3.77
N LEU A 695 -4.55 23.66 2.49
CA LEU A 695 -5.83 23.41 1.83
C LEU A 695 -6.58 22.24 2.45
N TYR A 696 -5.85 21.18 2.82
CA TYR A 696 -6.48 20.01 3.41
C TYR A 696 -6.97 20.31 4.83
N LEU A 697 -6.31 21.25 5.51
CA LEU A 697 -6.80 21.72 6.80
C LEU A 697 -8.08 22.54 6.63
N GLU A 698 -8.14 23.37 5.60
CA GLU A 698 -9.28 24.28 5.42
C GLU A 698 -10.53 23.53 4.98
N ILE A 699 -10.37 22.43 4.23
CA ILE A 699 -11.52 21.64 3.78
C ILE A 699 -12.17 20.93 4.97
N PHE A 700 -11.36 20.32 5.84
CA PHE A 700 -11.91 19.59 6.97
C PHE A 700 -12.52 20.52 8.02
N ASN A 701 -11.98 21.74 8.16
CA ASN A 701 -12.52 22.67 9.14
C ASN A 701 -13.86 23.21 8.69
N GLN A 702 -14.00 23.59 7.42
CA GLN A 702 -15.27 24.07 6.90
C GLN A 702 -16.31 22.95 6.83
N TRP A 703 -15.86 21.70 6.66
CA TRP A 703 -16.79 20.57 6.74
C TRP A 703 -17.23 20.34 8.18
N ARG A 704 -16.33 20.58 9.14
CA ARG A 704 -16.68 20.44 10.55
C ARG A 704 -17.59 21.58 11.00
N ASN A 705 -17.39 22.78 10.45
CA ASN A 705 -18.22 23.93 10.81
C ASN A 705 -19.64 23.78 10.28
N SER A 706 -19.81 23.03 9.18
CA SER A 706 -21.13 22.75 8.61
C SER A 706 -21.81 21.55 9.27
N LYS A 707 -21.34 21.15 10.47
CA LYS A 707 -21.90 20.07 11.28
C LYS A 707 -21.80 18.71 10.57
N PHE A 708 -20.73 18.55 9.79
CA PHE A 708 -20.40 17.33 9.04
C PHE A 708 -21.48 16.99 8.02
N SER A 709 -21.99 18.02 7.34
CA SER A 709 -23.11 17.85 6.42
C SER A 709 -22.68 17.13 5.15
N ARG A 710 -23.54 16.22 4.68
CA ARG A 710 -23.37 15.65 3.35
C ARG A 710 -23.61 16.69 2.27
N SER A 711 -24.50 17.64 2.54
CA SER A 711 -24.83 18.69 1.57
C SER A 711 -23.68 19.67 1.36
N TRP A 712 -22.80 19.81 2.36
CA TRP A 712 -21.62 20.66 2.20
C TRP A 712 -20.68 20.10 1.14
N CYS A 713 -20.53 18.76 1.11
CA CYS A 713 -19.54 18.14 0.24
C CYS A 713 -19.96 18.17 -1.22
N GLN A 714 -21.26 18.05 -1.50
CA GLN A 714 -21.73 18.17 -2.88
C GLN A 714 -21.62 19.59 -3.40
N ASP A 715 -21.82 20.57 -2.51
CA ASP A 715 -21.71 21.97 -2.94
C ASP A 715 -20.27 22.37 -3.22
N HIS A 716 -19.31 21.77 -2.51
CA HIS A 716 -17.90 22.13 -2.63
C HIS A 716 -17.07 21.08 -3.36
N LYS A 717 -17.72 20.02 -3.86
CA LYS A 717 -17.11 19.00 -4.74
C LYS A 717 -15.99 18.21 -4.04
N ILE A 718 -16.30 17.72 -2.84
CA ILE A 718 -15.48 16.75 -2.13
C ILE A 718 -16.33 15.50 -1.96
N GLN A 719 -15.70 14.33 -2.08
CA GLN A 719 -16.42 13.08 -1.84
C GLN A 719 -16.77 12.95 -0.36
N PHE A 720 -18.06 12.73 -0.07
CA PHE A 720 -18.51 12.64 1.30
C PHE A 720 -18.11 11.32 1.96
N LYS A 721 -18.05 10.24 1.18
CA LYS A 721 -17.66 8.94 1.72
C LYS A 721 -16.20 8.92 2.14
N THR A 722 -15.36 9.73 1.48
CA THR A 722 -13.96 9.80 1.86
C THR A 722 -13.78 10.54 3.19
N MET A 723 -14.53 11.62 3.39
CA MET A 723 -14.40 12.44 4.59
C MET A 723 -14.87 11.70 5.84
N LEU A 724 -15.78 10.75 5.68
CA LEU A 724 -16.16 9.89 6.80
C LEU A 724 -15.01 8.98 7.22
N ARG A 725 -14.17 8.58 6.27
CA ARG A 725 -12.99 7.80 6.61
C ARG A 725 -11.90 8.68 7.23
N VAL A 726 -11.79 9.93 6.78
CA VAL A 726 -10.82 10.87 7.34
C VAL A 726 -11.16 11.19 8.79
N ARG A 727 -12.45 11.34 9.09
CA ARG A 727 -12.88 11.54 10.47
C ARG A 727 -12.62 10.29 11.32
N ASN A 728 -12.69 9.12 10.71
CA ASN A 728 -12.34 7.88 11.42
C ASN A 728 -10.85 7.81 11.72
N ILE A 729 -10.00 8.29 10.79
CA ILE A 729 -8.56 8.29 11.02
C ILE A 729 -8.20 9.28 12.13
N ARG A 730 -8.81 10.47 12.12
CA ARG A 730 -8.54 11.49 13.13
C ARG A 730 -8.99 11.02 14.51
N ASN A 731 -10.10 10.30 14.59
CA ASN A 731 -10.56 9.77 15.87
C ASN A 731 -9.62 8.71 16.42
N GLN A 732 -9.04 7.89 15.54
CA GLN A 732 -8.10 6.86 16.00
C GLN A 732 -6.77 7.49 16.40
N LEU A 733 -6.32 8.52 15.70
CA LEU A 733 -5.08 9.19 16.06
C LEU A 733 -5.23 10.02 17.33
N PHE A 734 -6.43 10.54 17.59
CA PHE A 734 -6.66 11.33 18.79
C PHE A 734 -6.66 10.46 20.04
N ARG A 735 -7.15 9.22 19.92
CA ARG A 735 -7.10 8.30 21.06
C ARG A 735 -5.66 7.89 21.37
N CYS A 736 -4.84 7.73 20.34
CA CYS A 736 -3.44 7.38 20.55
C CYS A 736 -2.65 8.55 21.11
N SER A 737 -3.04 9.78 20.78
CA SER A 737 -2.37 10.95 21.35
C SER A 737 -2.69 11.13 22.82
N GLU A 738 -3.88 10.70 23.27
CA GLU A 738 -4.20 10.78 24.68
C GLU A 738 -3.41 9.79 25.51
N LYS A 739 -3.19 8.58 24.98
CA LYS A 739 -2.44 7.57 25.71
C LYS A 739 -0.97 7.94 25.84
N VAL A 740 -0.42 8.59 24.81
CA VAL A 740 0.94 9.11 24.91
C VAL A 740 0.99 10.28 25.88
N GLY A 741 0.00 11.16 25.84
CA GLY A 741 -0.01 12.36 26.64
C GLY A 741 0.20 13.63 25.86
N LEU A 742 0.07 13.60 24.54
CA LEU A 742 0.29 14.79 23.73
C LEU A 742 -0.86 15.77 23.84
N VAL A 743 -2.06 15.28 24.13
CA VAL A 743 -3.24 16.14 24.19
C VAL A 743 -3.17 17.04 25.43
N GLU A 744 -2.72 16.50 26.56
CA GLU A 744 -2.58 17.29 27.77
C GLU A 744 -1.47 18.34 27.63
N LYS A 745 -0.40 18.00 26.92
CA LYS A 745 0.66 18.97 26.66
C LYS A 745 0.25 19.99 25.61
N ASN A 746 -0.69 19.62 24.72
CA ASN A 746 -1.25 20.56 23.77
C ASN A 746 -2.08 21.63 24.46
N ASP A 747 -2.89 21.22 25.45
CA ASP A 747 -3.84 22.13 26.09
C ASP A 747 -3.13 23.17 26.94
N GLN A 748 -2.06 22.77 27.64
CA GLN A 748 -1.26 23.72 28.40
C GLN A 748 -0.52 24.69 27.48
N ALA A 749 -0.16 24.23 26.28
CA ALA A 749 0.53 25.08 25.33
C ALA A 749 -0.39 26.12 24.71
N ARG A 750 -1.63 25.72 24.40
CA ARG A 750 -2.57 26.61 23.74
C ARG A 750 -3.00 27.75 24.64
N MET A 751 -2.97 27.54 25.96
CA MET A 751 -3.24 28.61 26.91
C MET A 751 -2.10 29.62 26.93
N LYS A 752 -0.85 29.15 26.88
CA LYS A 752 0.29 30.04 27.03
C LYS A 752 0.54 30.88 25.78
N ILE A 753 0.45 30.27 24.60
CA ILE A 753 0.92 30.94 23.39
C ILE A 753 -0.09 31.97 22.91
N GLY A 754 -1.35 31.57 22.77
CA GLY A 754 -2.34 32.45 22.17
C GLY A 754 -2.13 32.63 20.69
N ASN A 755 -2.42 31.58 19.92
CA ASN A 755 -2.10 31.55 18.50
C ASN A 755 -2.94 32.54 17.70
N ILE A 756 -2.30 33.16 16.72
CA ILE A 756 -2.94 34.01 15.72
C ILE A 756 -2.84 33.28 14.39
N ALA A 757 -3.85 33.46 13.53
CA ALA A 757 -3.98 32.67 12.31
C ALA A 757 -2.80 32.84 11.35
N GLY A 758 -2.11 33.98 11.41
CA GLY A 758 -0.87 34.12 10.67
C GLY A 758 0.25 33.26 11.24
N TYR A 759 0.26 33.09 12.57
CA TYR A 759 1.31 32.31 13.22
C TYR A 759 1.07 30.81 13.14
N ILE A 760 -0.18 30.40 12.88
CA ILE A 760 -0.51 28.97 12.92
C ILE A 760 0.09 28.24 11.73
N ASN A 761 -0.02 28.82 10.53
CA ASN A 761 0.50 28.15 9.33
C ASN A 761 2.03 28.10 9.33
N ALA A 762 2.68 29.02 10.03
CA ALA A 762 4.13 28.93 10.21
C ALA A 762 4.48 27.76 11.14
N ARG A 763 3.71 27.56 12.20
CA ARG A 763 3.98 26.48 13.14
C ARG A 763 3.67 25.11 12.55
N ILE A 764 2.66 25.04 11.67
CA ILE A 764 2.35 23.80 10.97
C ILE A 764 3.48 23.42 10.02
N THR A 765 4.05 24.42 9.35
CA THR A 765 5.16 24.18 8.42
C THR A 765 6.38 23.61 9.12
N ARG A 766 6.72 24.15 10.30
CA ARG A 766 7.92 23.70 11.01
C ARG A 766 7.77 22.29 11.56
N CYS A 767 6.54 21.85 11.83
CA CYS A 767 6.33 20.49 12.33
C CYS A 767 6.61 19.45 11.25
N PHE A 768 6.20 19.74 10.01
CA PHE A 768 6.45 18.82 8.92
C PHE A 768 7.90 18.87 8.43
N ILE A 769 8.64 19.95 8.72
CA ILE A 769 10.06 19.97 8.44
C ILE A 769 10.80 18.98 9.34
N SER A 770 10.43 18.94 10.62
CA SER A 770 11.09 18.04 11.56
C SER A 770 10.70 16.59 11.32
N GLY A 771 9.49 16.34 10.83
CA GLY A 771 9.04 14.99 10.56
C GLY A 771 9.54 14.43 9.25
N PHE A 772 9.64 15.27 8.22
CA PHE A 772 10.11 14.87 6.90
C PHE A 772 11.26 15.75 6.45
N PRO A 773 12.44 15.63 7.08
CA PRO A 773 13.56 16.51 6.68
C PRO A 773 14.24 16.07 5.40
N MET A 774 14.12 14.80 5.02
CA MET A 774 14.73 14.32 3.79
C MET A 774 13.96 14.72 2.56
N ASN A 775 12.67 15.07 2.70
CA ASN A 775 11.83 15.40 1.55
C ASN A 775 11.79 16.91 1.31
N ILE A 776 12.93 17.59 1.31
CA ILE A 776 12.99 19.02 1.07
C ILE A 776 13.66 19.23 -0.28
N VAL A 777 13.12 20.15 -1.07
CA VAL A 777 13.55 20.40 -2.44
C VAL A 777 13.90 21.87 -2.58
N GLN A 778 15.07 22.15 -3.16
CA GLN A 778 15.55 23.52 -3.34
C GLN A 778 15.33 23.94 -4.79
N LEU A 779 14.84 25.15 -4.99
CA LEU A 779 14.69 25.69 -6.32
C LEU A 779 16.05 26.06 -6.90
N GLY A 780 16.30 25.65 -8.13
CA GLY A 780 17.56 25.90 -8.78
C GLY A 780 17.36 26.66 -10.09
N PRO A 781 18.44 26.81 -10.86
CA PRO A 781 18.29 27.48 -12.17
C PRO A 781 17.48 26.68 -13.17
N THR A 782 17.74 25.38 -13.30
CA THR A 782 16.97 24.55 -14.21
C THR A 782 15.57 24.28 -13.67
N GLY A 783 15.45 24.06 -12.36
CA GLY A 783 14.15 23.80 -11.78
C GLY A 783 14.30 23.36 -10.33
N TYR A 784 13.24 22.76 -9.81
CA TYR A 784 13.28 22.22 -8.46
C TYR A 784 14.24 21.03 -8.38
N GLN A 785 14.98 20.95 -7.27
CA GLN A 785 16.15 20.09 -7.17
C GLN A 785 16.30 19.61 -5.74
N THR A 786 16.68 18.35 -5.57
CA THR A 786 16.78 17.75 -4.25
C THR A 786 18.01 18.27 -3.50
N MET A 787 17.84 18.56 -2.20
CA MET A 787 18.90 19.20 -1.42
C MET A 787 19.99 18.24 -0.98
N GLY A 788 19.68 16.96 -0.83
CA GLY A 788 20.61 16.03 -0.19
C GLY A 788 21.87 15.80 -1.02
N ARG A 789 23.02 15.88 -0.34
CA ARG A 789 24.30 15.74 -1.03
C ARG A 789 24.55 14.32 -1.49
N SER A 790 23.99 13.33 -0.79
CA SER A 790 23.98 11.97 -1.33
C SER A 790 22.98 11.86 -2.47
N SER A 791 21.87 12.59 -2.38
CA SER A 791 20.84 12.53 -3.41
C SER A 791 21.28 13.26 -4.67
N GLY A 792 21.87 14.45 -4.53
CA GLY A 792 22.30 15.19 -5.68
C GLY A 792 21.17 15.94 -6.37
N GLY A 793 21.38 16.22 -7.65
CA GLY A 793 20.43 16.98 -8.42
C GLY A 793 19.59 16.14 -9.34
N LEU A 794 18.28 16.09 -9.10
CA LEU A 794 17.39 15.23 -9.86
C LEU A 794 16.48 15.97 -10.83
N ASN A 795 16.38 17.30 -10.72
CA ASN A 795 15.51 18.15 -11.55
C ASN A 795 14.05 17.70 -11.50
N VAL A 796 13.53 17.61 -10.28
CA VAL A 796 12.15 17.17 -10.07
C VAL A 796 11.19 18.28 -10.45
N SER A 797 10.02 17.91 -10.97
CA SER A 797 8.98 18.86 -11.33
C SER A 797 7.78 18.69 -10.41
N VAL A 798 6.96 19.73 -10.33
CA VAL A 798 5.75 19.69 -9.52
C VAL A 798 4.64 18.98 -10.29
N HIS A 799 3.93 18.09 -9.61
CA HIS A 799 2.87 17.33 -10.26
C HIS A 799 1.67 18.25 -10.54
N PRO A 800 0.98 18.05 -11.67
CA PRO A 800 -0.12 18.96 -12.02
C PRO A 800 -1.34 18.90 -11.11
N THR A 801 -1.53 17.83 -10.33
CA THR A 801 -2.68 17.79 -9.44
C THR A 801 -2.50 18.69 -8.22
N SER A 802 -1.26 18.99 -7.84
CA SER A 802 -1.00 19.82 -6.67
C SER A 802 -1.41 21.27 -6.91
N ILE A 803 -1.81 21.94 -5.83
CA ILE A 803 -2.26 23.32 -5.94
C ILE A 803 -1.08 24.26 -6.14
N LEU A 804 0.13 23.81 -5.85
CA LEU A 804 1.33 24.61 -6.11
C LEU A 804 1.58 24.75 -7.61
N PHE A 805 1.17 23.75 -8.39
CA PHE A 805 1.22 23.87 -9.85
C PHE A 805 0.14 24.84 -10.35
N VAL A 806 -1.01 24.85 -9.69
CA VAL A 806 -2.13 25.70 -10.11
C VAL A 806 -1.80 27.17 -9.89
N ASN A 807 -1.08 27.47 -8.80
CA ASN A 807 -0.72 28.86 -8.50
C ASN A 807 0.31 29.39 -9.49
N HIS A 808 1.23 28.53 -9.95
CA HIS A 808 2.27 29.01 -10.86
C HIS A 808 1.76 29.21 -12.28
N LYS A 809 0.79 28.40 -12.72
CA LYS A 809 0.25 28.56 -14.07
C LYS A 809 -0.68 29.77 -14.15
N GLU A 810 -1.50 29.98 -13.13
CA GLU A 810 -2.55 31.00 -13.17
C GLU A 810 -2.11 32.31 -12.52
N LYS A 811 -1.70 32.27 -11.26
CA LYS A 811 -1.26 33.48 -10.58
C LYS A 811 0.15 33.86 -11.03
N ALA A 812 0.50 35.13 -10.80
CA ALA A 812 1.80 35.65 -11.15
C ALA A 812 2.83 35.50 -10.03
N GLN A 813 2.56 34.62 -9.06
CA GLN A 813 3.47 34.45 -7.93
C GLN A 813 4.75 33.73 -8.35
N ARG A 814 5.88 34.22 -7.85
CA ARG A 814 7.16 33.57 -8.09
C ARG A 814 7.20 32.21 -7.37
N PRO A 815 7.93 31.24 -7.92
CA PRO A 815 8.03 29.94 -7.25
C PRO A 815 8.81 30.01 -5.95
N SER A 816 8.37 29.22 -4.97
CA SER A 816 9.01 29.18 -3.67
C SER A 816 10.37 28.49 -3.75
N LYS A 817 11.30 28.92 -2.90
CA LYS A 817 12.65 28.41 -2.98
C LYS A 817 12.74 27.01 -2.36
N TYR A 818 11.97 26.73 -1.31
CA TYR A 818 11.98 25.45 -0.63
C TYR A 818 10.59 24.86 -0.62
N VAL A 819 10.49 23.59 -1.00
CA VAL A 819 9.22 22.88 -1.10
C VAL A 819 9.38 21.52 -0.41
N LEU A 820 8.43 21.19 0.46
CA LEU A 820 8.35 19.90 1.13
C LEU A 820 7.25 19.05 0.50
N TYR A 821 7.55 17.79 0.20
CA TYR A 821 6.63 16.90 -0.47
C TYR A 821 6.37 15.65 0.37
N GLN A 822 5.22 15.04 0.16
CA GLN A 822 4.91 13.78 0.81
C GLN A 822 5.17 12.56 -0.07
N GLN A 823 5.02 12.70 -1.38
CA GLN A 823 5.10 11.59 -2.32
C GLN A 823 5.97 11.96 -3.51
N LEU A 824 6.80 11.01 -3.95
CA LEU A 824 7.62 11.18 -5.14
C LEU A 824 7.23 10.11 -6.16
N MET A 825 7.02 10.54 -7.41
CA MET A 825 6.49 9.69 -8.46
C MET A 825 7.29 9.90 -9.74
N LEU A 826 7.53 8.81 -10.48
CA LEU A 826 8.31 8.86 -11.72
C LEU A 826 7.44 8.40 -12.89
N THR A 827 6.95 9.36 -13.68
CA THR A 827 6.32 9.08 -14.97
C THR A 827 6.89 10.07 -15.98
N SER A 828 7.96 9.63 -16.69
CA SER A 828 8.74 10.32 -17.73
C SER A 828 9.62 11.46 -17.20
N LYS A 829 9.35 11.89 -15.97
CA LYS A 829 10.21 12.74 -15.17
C LYS A 829 9.69 12.65 -13.75
N GLU A 830 10.53 12.97 -12.77
CA GLU A 830 10.13 12.82 -11.38
C GLU A 830 9.13 13.91 -10.99
N PHE A 831 8.08 13.49 -10.28
CA PHE A 831 7.02 14.39 -9.84
C PHE A 831 6.83 14.28 -8.35
N ILE A 832 6.45 15.39 -7.72
CA ILE A 832 6.19 15.45 -6.30
C ILE A 832 4.73 15.84 -6.06
N ARG A 833 4.08 15.11 -5.16
CA ARG A 833 2.70 15.38 -4.78
C ARG A 833 2.65 15.81 -3.32
N ASP A 834 1.52 16.45 -2.97
CA ASP A 834 1.23 16.98 -1.63
C ASP A 834 2.31 17.97 -1.19
N CYS A 835 2.47 19.02 -1.98
CA CYS A 835 3.60 19.93 -1.81
C CYS A 835 3.28 20.99 -0.75
N LEU A 836 4.21 21.16 0.19
CA LEU A 836 4.17 22.22 1.17
C LEU A 836 5.18 23.31 0.81
N VAL A 837 4.89 24.53 1.22
CA VAL A 837 5.71 25.70 0.89
C VAL A 837 6.47 26.13 2.13
N ILE A 838 7.78 26.24 2.02
CA ILE A 838 8.63 26.72 3.11
C ILE A 838 9.18 28.08 2.72
N PRO A 839 8.65 29.18 3.27
CA PRO A 839 9.13 30.50 2.86
C PRO A 839 10.46 30.90 3.47
N LYS A 840 10.80 30.40 4.65
CA LYS A 840 11.96 30.87 5.39
C LYS A 840 13.07 29.81 5.38
N GLU A 841 14.30 30.29 5.15
CA GLU A 841 15.45 29.40 5.12
C GLU A 841 15.82 28.92 6.52
N GLU A 842 15.64 29.77 7.53
CA GLU A 842 16.09 29.46 8.87
C GLU A 842 15.20 28.44 9.58
N TRP A 843 14.00 28.18 9.05
CA TRP A 843 13.15 27.14 9.64
C TRP A 843 13.75 25.75 9.44
N LEU A 844 14.52 25.57 8.36
CA LEU A 844 15.25 24.33 8.14
C LEU A 844 16.34 24.13 9.18
N ILE A 845 17.08 25.20 9.47
CA ILE A 845 18.22 25.13 10.38
C ILE A 845 17.75 25.01 11.83
N ASP A 846 16.66 25.70 12.17
CA ASP A 846 16.18 25.71 13.55
C ASP A 846 15.56 24.37 13.94
N MET A 847 14.82 23.74 13.03
CA MET A 847 14.10 22.52 13.39
C MET A 847 15.00 21.30 13.35
N VAL A 848 15.71 21.09 12.25
CA VAL A 848 16.63 19.97 12.12
C VAL A 848 18.02 20.48 11.78
N PRO A 849 18.80 20.91 12.78
CA PRO A 849 20.16 21.40 12.50
C PRO A 849 21.14 20.31 12.13
N GLN A 850 20.86 19.05 12.48
CA GLN A 850 21.82 17.98 12.21
C GLN A 850 21.94 17.65 10.72
N ILE A 851 20.92 17.96 9.92
CA ILE A 851 21.06 17.87 8.48
C ILE A 851 21.51 19.19 7.87
N PHE A 852 20.77 20.26 8.12
CA PHE A 852 20.86 21.46 7.28
C PHE A 852 21.92 22.45 7.72
N LYS A 853 22.73 22.12 8.74
CA LYS A 853 23.89 22.96 9.02
C LYS A 853 24.95 22.79 7.94
N ASP A 854 25.15 21.56 7.48
CA ASP A 854 26.11 21.30 6.41
C ASP A 854 25.55 21.74 5.06
N LEU A 855 24.26 21.50 4.82
CA LEU A 855 23.66 21.77 3.51
C LEU A 855 23.52 23.27 3.26
N ILE A 856 23.21 24.04 4.29
CA ILE A 856 23.09 25.49 4.12
C ILE A 856 24.38 26.17 4.53
N LYS B 69 39.86 6.43 15.81
CA LYS B 69 39.50 7.14 14.58
C LYS B 69 38.11 6.71 14.10
N LYS B 70 37.82 5.43 14.24
CA LYS B 70 36.52 4.87 13.88
C LYS B 70 35.91 4.24 15.13
N LEU B 71 34.85 4.86 15.64
CA LEU B 71 34.26 4.49 16.92
C LEU B 71 33.27 3.34 16.75
N VAL B 72 33.12 2.54 17.80
CA VAL B 72 32.26 1.37 17.79
C VAL B 72 31.19 1.55 18.86
N ILE B 73 29.93 1.24 18.51
CA ILE B 73 28.80 1.34 19.41
C ILE B 73 28.18 -0.05 19.54
N LYS B 74 28.24 -0.62 20.73
CA LYS B 74 27.57 -1.89 21.03
C LYS B 74 26.23 -1.62 21.67
N LEU B 75 25.20 -2.33 21.21
CA LEU B 75 23.86 -2.12 21.73
C LEU B 75 23.66 -2.82 23.07
N SER B 76 22.75 -2.27 23.86
CA SER B 76 22.42 -2.82 25.18
C SER B 76 21.51 -4.03 24.98
N GLU B 77 22.12 -5.21 24.95
CA GLU B 77 21.38 -6.45 24.85
C GLU B 77 20.67 -6.75 26.17
N ASN B 78 19.41 -6.34 26.28
CA ASN B 78 18.67 -6.49 27.52
C ASN B 78 17.97 -7.85 27.58
N PRO B 87 15.16 7.43 33.84
CA PRO B 87 15.51 6.33 32.93
C PRO B 87 15.15 6.63 31.47
N LEU B 88 14.19 7.51 31.26
CA LEU B 88 13.81 7.88 29.90
C LEU B 88 14.75 8.96 29.35
N VAL B 89 14.76 9.08 28.03
CA VAL B 89 15.57 10.06 27.31
C VAL B 89 14.61 10.88 26.47
N GLU B 90 14.41 12.15 26.85
CA GLU B 90 13.38 12.98 26.23
C GLU B 90 13.79 13.45 24.84
N TYR B 91 14.84 14.26 24.76
CA TYR B 91 15.47 14.66 23.52
C TYR B 91 16.84 14.01 23.44
N VAL B 92 17.46 14.06 22.26
CA VAL B 92 18.70 13.30 22.07
C VAL B 92 19.84 14.00 22.81
N THR B 93 20.25 15.17 22.31
CA THR B 93 20.99 16.29 22.92
C THR B 93 21.16 17.28 21.77
N GLU B 94 21.42 18.54 22.09
CA GLU B 94 21.97 19.48 21.12
C GLU B 94 23.47 19.30 20.91
N LYS B 95 24.10 18.33 21.58
CA LYS B 95 25.53 18.09 21.52
C LYS B 95 25.91 16.68 21.08
N GLU B 96 25.04 15.68 21.28
CA GLU B 96 25.32 14.33 20.81
C GLU B 96 25.29 14.22 19.29
N TYR B 97 24.62 15.14 18.59
CA TYR B 97 24.76 15.20 17.14
C TYR B 97 26.14 15.72 16.74
N ASN B 98 26.83 16.44 17.62
CA ASN B 98 28.19 16.88 17.37
C ASN B 98 29.21 15.85 17.82
N GLU B 99 28.94 15.13 18.90
CA GLU B 99 29.84 14.07 19.34
C GLU B 99 29.74 12.85 18.45
N VAL B 100 28.52 12.47 18.07
CA VAL B 100 28.31 11.41 17.09
C VAL B 100 27.58 12.00 15.90
N PRO B 101 28.25 12.18 14.76
CA PRO B 101 27.57 12.70 13.57
C PRO B 101 26.59 11.69 12.99
N VAL B 102 25.76 12.18 12.05
CA VAL B 102 24.71 11.36 11.46
C VAL B 102 25.30 10.26 10.60
N GLU B 103 26.25 10.62 9.73
CA GLU B 103 26.88 9.63 8.85
C GLU B 103 27.81 8.71 9.63
N GLU B 104 28.37 9.17 10.74
CA GLU B 104 29.23 8.32 11.56
C GLU B 104 28.40 7.37 12.42
N PHE B 105 27.12 7.70 12.64
CA PHE B 105 26.25 6.90 13.51
C PHE B 105 25.98 5.53 12.91
N GLY B 106 25.65 5.49 11.61
CA GLY B 106 25.31 4.23 10.98
C GLY B 106 26.50 3.30 10.84
N ASP B 107 27.69 3.87 10.62
CA ASP B 107 28.91 3.06 10.56
C ASP B 107 29.26 2.49 11.92
N ALA B 108 29.06 3.28 12.99
CA ALA B 108 29.44 2.85 14.32
C ALA B 108 28.52 1.76 14.86
N LEU B 109 27.24 1.78 14.45
CA LEU B 109 26.31 0.75 14.91
C LEU B 109 26.62 -0.60 14.28
N LEU B 110 27.09 -0.61 13.02
CA LEU B 110 27.36 -1.86 12.34
C LEU B 110 28.62 -2.52 12.86
N ARG B 111 29.58 -1.74 13.37
CA ARG B 111 30.81 -2.32 13.91
C ARG B 111 30.54 -3.05 15.23
N GLY B 112 29.61 -2.52 16.04
CA GLY B 112 29.20 -3.24 17.24
C GLY B 112 28.45 -4.52 16.93
N MET B 113 27.70 -4.52 15.82
CA MET B 113 26.98 -5.73 15.42
C MET B 113 27.92 -6.82 14.93
N GLY B 114 29.04 -6.44 14.33
CA GLY B 114 29.97 -7.45 13.85
C GLY B 114 30.53 -7.25 12.45
N TRP B 115 29.79 -6.51 11.62
CA TRP B 115 29.93 -6.58 10.16
C TRP B 115 31.31 -6.15 9.66
N GLU B 116 31.91 -5.14 10.32
CA GLU B 116 33.15 -4.43 9.92
C GLU B 116 34.27 -5.17 9.20
N GLN B 140 12.89 2.74 -14.41
CA GLN B 140 13.46 3.87 -15.14
C GLN B 140 12.25 4.72 -15.56
N ILE B 141 12.41 5.65 -16.51
CA ILE B 141 11.30 6.51 -16.91
C ILE B 141 10.30 5.70 -17.72
N HIS B 142 9.02 5.86 -17.38
CA HIS B 142 7.92 5.32 -18.15
C HIS B 142 6.94 6.45 -18.43
N PRO B 143 6.84 6.94 -19.66
CA PRO B 143 5.84 7.95 -20.00
C PRO B 143 4.42 7.41 -19.91
N ASP B 144 3.46 8.32 -20.10
CA ASP B 144 2.04 8.08 -19.88
C ASP B 144 1.47 6.97 -20.76
N GLY B 145 1.14 5.84 -20.12
CA GLY B 145 0.52 4.70 -20.78
C GLY B 145 1.31 4.08 -21.91
N LEU B 146 2.63 4.16 -21.88
CA LEU B 146 3.43 3.65 -22.99
C LEU B 146 3.65 2.15 -22.84
N GLY B 147 3.56 1.43 -23.96
CA GLY B 147 3.58 -0.02 -23.92
C GLY B 147 4.96 -0.59 -23.67
N ILE B 148 5.01 -1.90 -23.38
CA ILE B 148 6.28 -2.60 -23.25
C ILE B 148 6.97 -2.67 -24.60
N GLY B 149 8.25 -2.29 -24.63
CA GLY B 149 9.09 -2.46 -25.80
C GLY B 149 8.97 -1.40 -26.87
N ALA B 150 8.12 -0.40 -26.67
CA ALA B 150 8.01 0.69 -27.63
C ALA B 150 9.07 1.75 -27.33
N LYS B 151 9.05 2.83 -28.10
CA LYS B 151 9.96 3.94 -27.84
C LYS B 151 9.18 5.11 -27.24
N GLU B 159 -2.94 17.31 -28.63
CA GLU B 159 -1.95 16.30 -28.32
C GLU B 159 -2.64 15.06 -27.77
N GLU B 160 -3.80 15.27 -27.14
CA GLU B 160 -4.52 14.15 -26.53
C GLU B 160 -5.27 13.35 -27.59
N ALA B 161 -5.97 14.05 -28.50
CA ALA B 161 -6.62 13.49 -29.69
C ALA B 161 -7.63 12.40 -29.33
N SER B 162 -8.74 12.81 -28.69
CA SER B 162 -9.61 11.96 -27.86
C SER B 162 -10.01 10.65 -28.52
N PHE B 163 -9.73 9.56 -27.82
CA PHE B 163 -9.77 8.21 -28.36
C PHE B 163 -11.20 7.74 -28.48
N MET B 164 -11.82 8.06 -29.61
CA MET B 164 -13.12 7.51 -29.96
C MET B 164 -12.95 6.48 -31.07
N PRO B 165 -12.92 5.18 -30.77
CA PRO B 165 -12.90 4.18 -31.85
C PRO B 165 -14.29 3.83 -32.34
N VAL B 166 -15.12 4.86 -32.56
CA VAL B 166 -16.52 4.71 -32.93
C VAL B 166 -16.76 5.54 -34.18
N VAL B 167 -17.41 4.96 -35.18
CA VAL B 167 -17.68 5.63 -36.44
C VAL B 167 -19.20 5.69 -36.68
N LYS B 168 -19.65 6.78 -37.30
CA LYS B 168 -21.06 6.91 -37.69
C LYS B 168 -21.40 5.94 -38.80
PB ADP C . -7.79 -19.10 -3.00
O1B ADP C . -6.90 -18.74 -4.16
O2B ADP C . -8.01 -20.58 -2.82
O3B ADP C . -7.44 -18.39 -1.73
PA ADP C . -10.38 -18.14 -2.37
O1A ADP C . -10.37 -16.66 -2.09
O2A ADP C . -10.35 -19.10 -1.21
O3A ADP C . -9.22 -18.51 -3.42
O5' ADP C . -11.70 -18.46 -3.25
C5' ADP C . -12.67 -19.41 -2.84
C4' ADP C . -13.94 -19.18 -3.63
O4' ADP C . -14.80 -18.30 -2.92
C3' ADP C . -13.66 -18.56 -4.99
O3' ADP C . -14.16 -19.39 -6.04
C2' ADP C . -14.39 -17.23 -5.00
O2' ADP C . -15.18 -17.12 -6.18
C1' ADP C . -15.29 -17.26 -3.77
N9 ADP C . -15.20 -15.96 -3.05
C8 ADP C . -14.13 -15.49 -2.38
N7 ADP C . -14.39 -14.28 -1.82
C5 ADP C . -15.66 -13.96 -2.14
C6 ADP C . -16.57 -12.82 -1.88
N6 ADP C . -16.16 -11.76 -1.15
N1 ADP C . -17.81 -12.88 -2.40
C2 ADP C . -18.23 -13.93 -3.13
N3 ADP C . -17.46 -14.99 -3.40
C4 ADP C . -16.19 -15.07 -2.95
MG MG D . -6.45 -16.63 -1.19
#